data_4QN3
#
_entry.id   4QN3
#
_cell.length_a   110.524
_cell.length_b   110.524
_cell.length_c   121.418
_cell.angle_alpha   90.00
_cell.angle_beta   90.00
_cell.angle_gamma   90.00
#
_symmetry.space_group_name_H-M   'P 4 21 2'
#
loop_
_entity.id
_entity.type
_entity.pdbx_description
1 polymer Neuraminidase
2 branched beta-D-mannopyranose-(1-4)-2-acetamido-2-deoxy-beta-D-glucopyranose-(1-4)-2-acetamido-2-deoxy-beta-D-glucopyranose
3 branched 2-acetamido-2-deoxy-beta-D-glucopyranose-(1-4)-2-acetamido-2-deoxy-beta-D-glucopyranose
4 non-polymer 'CALCIUM ION'
5 non-polymer 2-acetamido-2-deoxy-beta-D-glucopyranose
6 water water
#
_entity_poly.entity_id   1
_entity_poly.type   'polypeptide(L)'
_entity_poly.pdbx_seq_one_letter_code
;NYLMLNKSLCKVEGWVVVAKDNAIRFGESEQIIVTREPYVSCDPLGCKMYALHQGTTIRNKHSNGTIHDRTAFRGLISTP
LGSPPIVSNSDFLCVGWSSTSCHDGIGRMTICVQGNNDNATATVYYDRRLTTTIKTWAGNILRTQESECVCHNGTCVVIM
TDGSASSQAYTKVLYFHKGLVIKEEALKGSARHIEECSCYGHNSKVTCVCRDNWQGANRPVIEIDMNAMEHTSQYLCTGV
LTDTSRPSDKSIGDCNNPITGSPGAPGVKGFGFLDSGNTWLGRTISPRSRSGFEMLKIPNAGTDPNSRITERQEIVDNNN
WSGYSGSFIDYWDESSECYNPCFYVELIRGRPEEAKYVWWTSNSLVALCGSPVPVGSGSFPDGAQIQYFS
;
_entity_poly.pdbx_strand_id   A,B
#
# COMPACT_ATOMS: atom_id res chain seq x y z
N ASN A 1 25.13 14.80 -9.60
CA ASN A 1 24.65 14.65 -8.23
C ASN A 1 23.16 14.98 -8.08
N TYR A 2 22.38 14.74 -9.13
CA TYR A 2 20.93 14.81 -9.01
C TYR A 2 20.47 13.78 -8.00
N LEU A 3 19.54 14.17 -7.12
CA LEU A 3 18.97 13.25 -6.16
C LEU A 3 18.18 12.15 -6.86
N MET A 4 18.48 10.90 -6.52
CA MET A 4 17.68 9.77 -6.99
C MET A 4 16.91 9.22 -5.81
N LEU A 5 15.58 9.16 -5.91
CA LEU A 5 14.76 8.58 -4.86
C LEU A 5 14.87 7.06 -4.85
N ASN A 6 15.95 6.54 -4.27
CA ASN A 6 16.25 5.12 -4.33
C ASN A 6 16.09 4.40 -3.00
N LYS A 7 15.43 5.04 -2.04
CA LYS A 7 15.28 4.47 -0.71
C LYS A 7 13.82 4.40 -0.27
N SER A 8 13.52 3.49 0.65
CA SER A 8 12.20 3.41 1.28
C SER A 8 12.21 4.20 2.59
N LEU A 9 11.03 4.44 3.15
CA LEU A 9 10.92 5.10 4.45
C LEU A 9 11.46 4.23 5.57
N CYS A 10 12.15 4.84 6.53
CA CYS A 10 12.57 4.14 7.73
C CYS A 10 11.32 3.75 8.51
N LYS A 11 11.42 2.67 9.30
CA LYS A 11 10.35 2.32 10.21
C LYS A 11 10.30 3.36 11.33
N VAL A 12 9.10 3.73 11.75
CA VAL A 12 8.95 4.75 12.80
C VAL A 12 8.08 4.23 13.94
N GLU A 13 8.62 4.28 15.16
CA GLU A 13 7.88 3.83 16.34
C GLU A 13 7.50 5.01 17.21
N GLY A 14 8.20 6.13 17.00
CA GLY A 14 7.97 7.33 17.78
C GLY A 14 8.66 8.52 17.13
N TRP A 15 8.49 9.69 17.74
CA TRP A 15 9.01 10.92 17.15
C TRP A 15 9.76 11.74 18.19
N VAL A 16 10.91 12.28 17.79
CA VAL A 16 11.69 13.17 18.65
C VAL A 16 11.83 14.55 18.02
N VAL A 17 11.90 15.57 18.86
CA VAL A 17 12.06 16.96 18.40
C VAL A 17 13.50 17.24 18.01
N VAL A 18 13.70 17.72 16.79
CA VAL A 18 15.04 18.01 16.30
C VAL A 18 15.30 19.52 16.25
N ALA A 19 14.24 20.31 16.32
CA ALA A 19 14.35 21.76 16.25
C ALA A 19 13.10 22.44 16.81
N LYS A 20 13.30 23.60 17.44
CA LYS A 20 12.19 24.38 17.98
C LYS A 20 12.68 25.81 18.13
N ASP A 21 12.10 26.73 17.36
CA ASP A 21 12.72 28.04 17.25
C ASP A 21 12.32 29.00 18.36
N ASN A 22 11.25 28.68 19.09
CA ASN A 22 10.79 29.52 20.19
C ASN A 22 10.64 30.97 19.76
N ALA A 23 10.19 31.17 18.52
CA ALA A 23 10.20 32.48 17.88
C ALA A 23 9.35 33.54 18.59
N ILE A 24 8.19 33.14 19.10
CA ILE A 24 7.31 34.10 19.76
C ILE A 24 7.88 34.54 21.11
N ARG A 25 8.45 33.59 21.85
CA ARG A 25 9.11 33.89 23.13
C ARG A 25 10.24 34.91 22.92
N PHE A 26 11.17 34.59 22.02
CA PHE A 26 12.25 35.51 21.67
C PHE A 26 11.68 36.83 21.15
N GLY A 27 10.57 36.73 20.41
CA GLY A 27 9.94 37.88 19.78
C GLY A 27 9.30 38.88 20.73
N GLU A 28 9.35 38.61 22.03
CA GLU A 28 8.82 39.55 23.01
C GLU A 28 9.73 40.79 23.05
N SER A 29 11.00 40.62 22.68
CA SER A 29 11.97 41.71 22.73
C SER A 29 12.92 41.76 21.52
N GLU A 30 13.38 40.61 21.07
CA GLU A 30 14.27 40.56 19.90
C GLU A 30 13.45 40.80 18.62
N GLN A 31 14.11 41.22 17.56
CA GLN A 31 13.39 41.58 16.33
C GLN A 31 13.05 40.37 15.46
N ILE A 32 12.18 39.49 15.96
CA ILE A 32 11.70 38.32 15.25
C ILE A 32 10.72 38.69 14.12
N ILE A 33 10.96 38.22 12.93
CA ILE A 33 10.12 38.49 11.76
C ILE A 33 8.77 37.79 11.87
N VAL A 34 7.69 38.53 11.63
CA VAL A 34 6.34 37.97 11.64
C VAL A 34 6.18 37.02 10.45
N THR A 35 5.78 35.78 10.72
CA THR A 35 5.67 34.76 9.68
C THR A 35 4.36 34.00 9.80
N ARG A 36 4.05 33.22 8.76
CA ARG A 36 3.07 32.15 8.83
C ARG A 36 3.34 31.22 7.65
N GLU A 37 2.62 30.10 7.59
CA GLU A 37 2.83 29.09 6.56
C GLU A 37 4.29 28.65 6.44
N PRO A 38 4.89 28.17 7.54
CA PRO A 38 6.29 27.76 7.51
C PRO A 38 6.45 26.32 7.05
N TYR A 39 7.66 25.96 6.70
CA TYR A 39 8.00 24.58 6.41
C TYR A 39 9.51 24.39 6.55
N VAL A 40 9.96 23.17 6.27
CA VAL A 40 11.38 22.83 6.37
C VAL A 40 11.79 22.14 5.08
N SER A 41 12.96 22.51 4.56
CA SER A 41 13.51 21.87 3.37
C SER A 41 15.01 21.68 3.52
N CYS A 42 15.50 20.50 3.11
CA CYS A 42 16.92 20.18 3.22
C CYS A 42 17.62 20.15 1.87
N ASP A 43 18.95 20.08 1.91
CA ASP A 43 19.76 19.92 0.72
C ASP A 43 21.13 19.34 1.16
N PRO A 44 22.05 19.08 0.22
CA PRO A 44 23.31 18.45 0.66
C PRO A 44 24.07 19.18 1.78
N LEU A 45 23.81 20.47 1.99
CA LEU A 45 24.60 21.25 2.94
C LEU A 45 23.92 21.50 4.28
N GLY A 46 22.69 20.99 4.44
CA GLY A 46 21.97 21.17 5.69
C GLY A 46 20.49 21.39 5.49
N CYS A 47 19.80 21.74 6.57
CA CYS A 47 18.35 21.96 6.53
C CYS A 47 18.03 23.38 6.97
N LYS A 48 16.99 23.96 6.37
CA LYS A 48 16.61 25.31 6.75
C LYS A 48 15.09 25.41 6.94
N MET A 49 14.66 26.32 7.80
CA MET A 49 13.25 26.61 7.93
C MET A 49 12.85 27.64 6.88
N TYR A 50 11.68 27.44 6.28
CA TYR A 50 11.16 28.36 5.29
C TYR A 50 9.85 28.91 5.81
N ALA A 51 9.53 30.15 5.47
CA ALA A 51 8.29 30.76 5.94
C ALA A 51 7.95 31.99 5.13
N LEU A 52 6.66 32.32 5.09
CA LEU A 52 6.20 33.54 4.45
C LEU A 52 6.17 34.66 5.47
N HIS A 53 7.06 35.63 5.30
CA HIS A 53 7.11 36.76 6.21
C HIS A 53 6.00 37.77 5.89
N GLN A 54 5.77 38.73 6.79
CA GLN A 54 4.73 39.73 6.62
C GLN A 54 5.31 41.13 6.45
N GLY A 55 6.61 41.21 6.22
CA GLY A 55 7.27 42.49 5.99
C GLY A 55 7.33 43.34 7.23
N THR A 56 7.46 42.69 8.38
CA THR A 56 7.51 43.38 9.66
C THR A 56 7.98 42.40 10.74
N THR A 57 8.38 42.93 11.89
CA THR A 57 8.64 42.10 13.07
C THR A 57 7.46 42.21 14.03
N ILE A 58 7.47 41.43 15.12
CA ILE A 58 6.34 41.39 16.06
C ILE A 58 6.25 42.66 16.89
N ARG A 59 7.34 43.09 17.49
CA ARG A 59 7.39 44.34 18.26
C ARG A 59 7.60 45.51 17.35
N ASN A 60 6.62 45.72 16.51
CA ASN A 60 6.68 46.70 15.43
C ASN A 60 5.24 47.07 15.17
N LYS A 61 4.95 48.35 14.98
CA LYS A 61 3.56 48.78 14.84
C LYS A 61 2.92 48.19 13.58
N HIS A 62 3.75 47.77 12.62
CA HIS A 62 3.24 47.16 11.39
C HIS A 62 2.79 45.71 11.59
N SER A 63 3.01 45.16 12.79
CA SER A 63 2.51 43.81 13.07
C SER A 63 0.99 43.80 13.17
N ASN A 64 0.41 44.97 13.41
CA ASN A 64 -1.04 45.15 13.45
C ASN A 64 -1.65 44.90 12.08
N GLY A 65 -2.51 43.88 11.99
CA GLY A 65 -3.14 43.53 10.73
C GLY A 65 -2.54 42.32 10.03
N THR A 66 -1.60 41.64 10.69
CA THR A 66 -0.92 40.53 10.05
C THR A 66 -1.74 39.23 10.01
N ILE A 67 -3.01 39.32 10.40
CA ILE A 67 -3.94 38.20 10.17
C ILE A 67 -4.19 38.02 8.69
N HIS A 68 -4.00 39.09 7.93
CA HIS A 68 -4.20 39.07 6.49
C HIS A 68 -3.21 38.12 5.80
N ASP A 69 -3.71 37.41 4.79
CA ASP A 69 -2.96 36.33 4.17
C ASP A 69 -2.15 36.79 2.96
N ARG A 70 -2.65 37.81 2.27
CA ARG A 70 -2.04 38.25 1.02
C ARG A 70 -1.85 39.76 0.98
N THR A 71 -0.59 40.19 1.05
CA THR A 71 -0.23 41.59 0.90
C THR A 71 0.98 41.70 -0.02
N ALA A 72 1.33 42.92 -0.42
CA ALA A 72 2.49 43.12 -1.29
C ALA A 72 3.78 43.09 -0.48
N PHE A 73 3.64 42.92 0.84
CA PHE A 73 4.77 43.02 1.75
C PHE A 73 5.15 41.66 2.31
N ARG A 74 4.63 40.61 1.68
CA ARG A 74 4.98 39.25 2.07
C ARG A 74 6.03 38.69 1.11
N GLY A 75 6.71 37.65 1.56
CA GLY A 75 7.75 37.01 0.76
C GLY A 75 8.21 35.77 1.47
N LEU A 76 9.10 35.02 0.83
CA LEU A 76 9.64 33.80 1.42
C LEU A 76 11.00 34.07 2.03
N ILE A 77 11.21 33.64 3.27
CA ILE A 77 12.54 33.66 3.87
C ILE A 77 12.96 32.26 4.24
N SER A 78 14.26 31.99 4.19
CA SER A 78 14.81 30.77 4.77
C SER A 78 15.78 31.17 5.87
N THR A 79 15.76 30.41 6.96
CA THR A 79 16.66 30.68 8.08
C THR A 79 17.19 29.33 8.57
N PRO A 80 18.36 29.32 9.22
CA PRO A 80 18.91 28.04 9.69
C PRO A 80 17.92 27.31 10.61
N LEU A 81 17.72 26.02 10.37
CA LEU A 81 16.75 25.25 11.14
C LEU A 81 17.07 25.27 12.64
N GLY A 82 16.08 25.59 13.45
CA GLY A 82 16.27 25.65 14.89
C GLY A 82 16.34 27.08 15.40
N SER A 83 16.75 27.99 14.53
CA SER A 83 16.85 29.41 14.88
C SER A 83 15.53 30.12 14.60
N PRO A 84 15.17 31.09 15.45
CA PRO A 84 14.04 31.95 15.09
C PRO A 84 14.48 32.95 14.02
N PRO A 85 13.55 33.41 13.19
CA PRO A 85 13.93 34.29 12.07
C PRO A 85 14.11 35.76 12.47
N ILE A 86 15.30 36.29 12.23
CA ILE A 86 15.55 37.73 12.30
C ILE A 86 16.20 38.14 10.97
N VAL A 87 16.31 39.44 10.70
CA VAL A 87 16.87 39.91 9.43
C VAL A 87 18.28 39.38 9.22
N SER A 88 19.08 39.41 10.28
CA SER A 88 20.48 39.01 10.21
C SER A 88 20.72 37.56 9.77
N ASN A 89 19.83 36.65 10.17
CA ASN A 89 20.00 35.25 9.80
C ASN A 89 19.05 34.73 8.72
N SER A 90 18.30 35.62 8.09
CA SER A 90 17.29 35.20 7.12
C SER A 90 17.60 35.60 5.69
N ASP A 91 17.39 34.66 4.79
CA ASP A 91 17.60 34.87 3.37
C ASP A 91 16.25 35.23 2.76
N PHE A 92 16.13 36.39 2.14
CA PHE A 92 14.87 36.78 1.51
C PHE A 92 14.86 36.29 0.06
N LEU A 93 14.08 35.25 -0.19
CA LEU A 93 14.23 34.43 -1.40
C LEU A 93 13.41 34.89 -2.59
N CYS A 94 12.18 35.32 -2.32
CA CYS A 94 11.28 35.80 -3.36
C CYS A 94 10.11 36.55 -2.73
N VAL A 95 9.31 37.20 -3.56
CA VAL A 95 8.19 38.02 -3.09
C VAL A 95 6.89 37.34 -3.47
N GLY A 96 5.94 37.30 -2.53
CA GLY A 96 4.70 36.58 -2.74
C GLY A 96 4.06 36.06 -1.47
N TRP A 97 2.91 35.41 -1.62
CA TRP A 97 2.09 34.99 -0.49
C TRP A 97 1.71 33.51 -0.53
N SER A 98 2.43 32.74 -1.32
CA SER A 98 2.26 31.29 -1.38
C SER A 98 3.53 30.71 -1.99
N SER A 99 3.99 29.58 -1.47
CA SER A 99 5.30 29.09 -1.92
C SER A 99 5.56 27.61 -1.73
N THR A 100 6.60 27.16 -2.42
CA THR A 100 7.20 25.86 -2.15
C THR A 100 8.67 25.98 -2.53
N SER A 101 9.47 24.98 -2.16
CA SER A 101 10.89 24.97 -2.48
C SER A 101 11.44 23.57 -2.31
N CYS A 102 12.41 23.21 -3.14
CA CYS A 102 13.08 21.93 -3.01
C CYS A 102 14.40 21.92 -3.75
N HIS A 103 15.29 21.01 -3.36
CA HIS A 103 16.61 20.90 -3.96
C HIS A 103 16.68 19.59 -4.73
N ASP A 104 17.14 19.65 -5.98
CA ASP A 104 17.22 18.45 -6.83
C ASP A 104 18.54 17.69 -6.65
N GLY A 105 19.39 18.16 -5.74
CA GLY A 105 20.68 17.55 -5.50
C GLY A 105 21.81 18.39 -6.08
N ILE A 106 21.47 19.26 -7.04
CA ILE A 106 22.44 20.16 -7.64
C ILE A 106 22.09 21.62 -7.40
N GLY A 107 20.83 21.98 -7.67
CA GLY A 107 20.37 23.34 -7.43
C GLY A 107 19.02 23.35 -6.73
N ARG A 108 18.70 24.45 -6.05
CA ARG A 108 17.40 24.57 -5.40
C ARG A 108 16.40 25.31 -6.28
N MET A 109 15.19 24.76 -6.36
CA MET A 109 14.09 25.43 -7.04
C MET A 109 13.17 26.05 -6.01
N THR A 110 12.80 27.31 -6.18
CA THR A 110 11.85 27.94 -5.28
C THR A 110 10.78 28.69 -6.07
N ILE A 111 9.59 28.75 -5.49
CA ILE A 111 8.44 29.36 -6.15
C ILE A 111 7.68 30.29 -5.20
N CYS A 112 7.43 31.53 -5.64
CA CYS A 112 6.59 32.45 -4.88
C CYS A 112 5.43 32.88 -5.77
N VAL A 113 4.21 32.80 -5.26
CA VAL A 113 3.08 33.32 -6.00
C VAL A 113 2.72 34.72 -5.50
N GLN A 114 2.67 35.68 -6.40
CA GLN A 114 2.50 37.09 -6.03
C GLN A 114 1.38 37.74 -6.84
N GLY A 115 1.04 38.97 -6.49
CA GLY A 115 0.08 39.75 -7.25
C GLY A 115 -1.32 39.80 -6.67
N ASN A 116 -2.22 40.46 -7.38
CA ASN A 116 -3.63 40.53 -6.99
C ASN A 116 -4.32 39.16 -7.09
N ASN A 117 -5.40 39.00 -6.33
CA ASN A 117 -6.12 37.72 -6.29
C ASN A 117 -6.65 37.24 -7.64
N ASP A 118 -7.01 38.18 -8.51
CA ASP A 118 -7.65 37.86 -9.79
C ASP A 118 -6.67 37.83 -10.95
N ASN A 119 -5.40 38.12 -10.66
CA ASN A 119 -4.38 38.22 -11.69
C ASN A 119 -3.01 37.93 -11.08
N ALA A 120 -2.89 36.77 -10.44
CA ALA A 120 -1.66 36.41 -9.76
C ALA A 120 -0.70 35.70 -10.70
N THR A 121 0.59 35.71 -10.35
CA THR A 121 1.59 35.00 -11.13
C THR A 121 2.64 34.34 -10.24
N ALA A 122 2.95 33.08 -10.54
CA ALA A 122 3.99 32.38 -9.81
C ALA A 122 5.35 32.76 -10.39
N THR A 123 6.28 33.13 -9.52
CA THR A 123 7.64 33.38 -9.93
C THR A 123 8.48 32.16 -9.57
N VAL A 124 9.15 31.57 -10.56
CA VAL A 124 9.93 30.36 -10.34
C VAL A 124 11.41 30.66 -10.43
N TYR A 125 12.16 30.19 -9.44
CA TYR A 125 13.61 30.40 -9.39
C TYR A 125 14.35 29.08 -9.41
N TYR A 126 15.52 29.07 -10.02
CA TYR A 126 16.42 27.94 -9.89
C TYR A 126 17.79 28.50 -9.58
N ASP A 127 18.41 27.98 -8.52
CA ASP A 127 19.69 28.48 -8.06
C ASP A 127 19.64 30.00 -7.90
N ARG A 128 18.52 30.48 -7.36
CA ARG A 128 18.33 31.88 -7.00
C ARG A 128 18.18 32.83 -8.20
N ARG A 129 18.13 32.26 -9.40
CA ARG A 129 17.88 33.05 -10.60
C ARG A 129 16.47 32.80 -11.10
N LEU A 130 15.78 33.88 -11.47
CA LEU A 130 14.44 33.77 -12.04
C LEU A 130 14.50 33.03 -13.37
N THR A 131 13.73 31.96 -13.50
CA THR A 131 13.81 31.13 -14.70
C THR A 131 12.49 31.11 -15.49
N THR A 132 11.36 31.05 -14.78
CA THR A 132 10.06 31.10 -15.45
C THR A 132 8.97 31.75 -14.60
N THR A 133 7.90 32.14 -15.27
CA THR A 133 6.72 32.70 -14.60
C THR A 133 5.50 31.91 -15.08
N ILE A 134 4.50 31.79 -14.22
CA ILE A 134 3.29 31.04 -14.56
C ILE A 134 2.07 31.85 -14.17
N LYS A 135 1.34 32.35 -15.17
CA LYS A 135 0.20 33.21 -14.92
C LYS A 135 -0.98 32.38 -14.40
N THR A 136 -1.85 33.01 -13.61
CA THR A 136 -3.06 32.36 -13.13
C THR A 136 -3.87 31.80 -14.30
N TRP A 137 -4.43 30.61 -14.14
CA TRP A 137 -5.21 30.00 -15.22
C TRP A 137 -6.73 29.97 -14.93
N ALA A 138 -7.10 30.28 -13.70
CA ALA A 138 -8.51 30.26 -13.29
C ALA A 138 -8.95 31.61 -12.74
N GLY A 139 -7.99 32.47 -12.44
CA GLY A 139 -8.31 33.83 -12.02
C GLY A 139 -8.75 33.98 -10.58
N ASN A 140 -8.44 33.00 -9.72
CA ASN A 140 -8.79 33.10 -8.31
C ASN A 140 -7.71 32.50 -7.39
N ILE A 141 -6.78 33.36 -6.98
CA ILE A 141 -5.73 33.01 -6.03
C ILE A 141 -4.92 31.76 -6.42
N LEU A 142 -4.08 31.92 -7.45
CA LEU A 142 -3.13 30.86 -7.83
C LEU A 142 -2.28 30.54 -6.60
N ARG A 143 -2.11 29.27 -6.28
CA ARG A 143 -1.52 28.90 -5.00
C ARG A 143 -0.89 27.51 -5.02
N THR A 144 0.01 27.26 -4.08
CA THR A 144 0.74 25.99 -4.06
C THR A 144 0.89 25.41 -2.64
N GLN A 145 1.92 24.60 -2.43
CA GLN A 145 1.96 23.65 -1.32
C GLN A 145 2.11 24.22 0.10
N GLU A 146 2.89 25.29 0.26
CA GLU A 146 3.30 25.79 1.57
C GLU A 146 4.13 24.77 2.35
N SER A 147 4.73 23.83 1.63
CA SER A 147 5.77 22.96 2.18
C SER A 147 6.66 22.51 1.02
N GLU A 148 7.73 21.79 1.32
CA GLU A 148 8.73 21.49 0.29
C GLU A 148 8.19 20.58 -0.82
N CYS A 149 8.64 20.83 -2.05
CA CYS A 149 8.36 19.92 -3.15
C CYS A 149 9.40 18.79 -3.13
N VAL A 150 9.32 17.86 -4.07
CA VAL A 150 10.21 16.70 -4.07
C VAL A 150 10.79 16.45 -5.46
N CYS A 151 12.07 16.10 -5.51
CA CYS A 151 12.78 15.92 -6.78
C CYS A 151 13.30 14.50 -6.98
N HIS A 152 13.41 14.10 -8.24
CA HIS A 152 13.97 12.79 -8.60
C HIS A 152 14.56 12.87 -10.00
N ASN A 153 15.83 12.49 -10.13
CA ASN A 153 16.49 12.43 -11.44
C ASN A 153 16.43 13.77 -12.18
N GLY A 154 16.55 14.87 -11.44
CA GLY A 154 16.51 16.19 -12.04
C GLY A 154 15.14 16.81 -12.22
N THR A 155 14.08 16.05 -11.94
CA THR A 155 12.72 16.57 -12.10
C THR A 155 12.04 16.75 -10.75
N CYS A 156 11.49 17.95 -10.52
CA CYS A 156 10.80 18.26 -9.27
C CYS A 156 9.31 18.43 -9.52
N VAL A 157 8.50 17.75 -8.72
CA VAL A 157 7.06 17.83 -8.89
C VAL A 157 6.43 18.83 -7.91
N VAL A 158 5.53 19.66 -8.43
CA VAL A 158 4.86 20.68 -7.63
C VAL A 158 3.36 20.61 -7.88
N ILE A 159 2.58 20.65 -6.80
CA ILE A 159 1.13 20.69 -6.92
C ILE A 159 0.63 22.12 -6.76
N MET A 160 -0.15 22.60 -7.72
CA MET A 160 -0.71 23.95 -7.65
C MET A 160 -2.21 23.94 -7.86
N THR A 161 -2.88 24.97 -7.36
CA THR A 161 -4.33 25.07 -7.47
C THR A 161 -4.73 26.52 -7.77
N ASP A 162 -5.75 26.70 -8.61
CA ASP A 162 -6.25 28.02 -8.97
C ASP A 162 -7.78 27.94 -9.07
N GLY A 163 -8.46 28.91 -8.47
CA GLY A 163 -9.91 28.94 -8.50
C GLY A 163 -10.56 29.04 -7.13
N SER A 164 -11.86 28.76 -7.08
CA SER A 164 -12.64 28.86 -5.85
C SER A 164 -12.09 27.97 -4.73
N ALA A 165 -12.12 28.48 -3.51
CA ALA A 165 -11.66 27.72 -2.35
C ALA A 165 -12.75 26.81 -1.81
N SER A 166 -14.01 27.14 -2.12
CA SER A 166 -15.16 26.48 -1.50
C SER A 166 -15.96 25.59 -2.46
N SER A 167 -15.56 25.56 -3.73
CA SER A 167 -16.17 24.66 -4.69
C SER A 167 -15.11 24.16 -5.68
N GLN A 168 -15.56 23.62 -6.81
CA GLN A 168 -14.65 23.01 -7.77
C GLN A 168 -13.60 24.00 -8.28
N ALA A 169 -12.33 23.57 -8.23
CA ALA A 169 -11.22 24.41 -8.66
C ALA A 169 -10.37 23.68 -9.69
N TYR A 170 -9.27 24.31 -10.11
CA TYR A 170 -8.45 23.73 -11.17
C TYR A 170 -7.03 23.43 -10.69
N THR A 171 -6.81 22.18 -10.32
CA THR A 171 -5.53 21.73 -9.79
C THR A 171 -4.66 21.11 -10.88
N LYS A 172 -3.39 21.48 -10.90
CA LYS A 172 -2.44 20.95 -11.88
C LYS A 172 -1.22 20.37 -11.18
N VAL A 173 -0.72 19.27 -11.71
CA VAL A 173 0.52 18.67 -11.23
C VAL A 173 1.64 19.07 -12.18
N LEU A 174 2.62 19.82 -11.67
CA LEU A 174 3.65 20.43 -12.50
C LEU A 174 5.00 19.74 -12.31
N TYR A 175 5.68 19.47 -13.42
CA TYR A 175 6.97 18.82 -13.38
C TYR A 175 8.04 19.79 -13.89
N PHE A 176 9.03 20.06 -13.04
CA PHE A 176 10.03 21.07 -13.36
C PHE A 176 11.41 20.45 -13.57
N HIS A 177 12.18 21.04 -14.48
CA HIS A 177 13.60 20.72 -14.58
C HIS A 177 14.41 22.00 -14.67
N LYS A 178 15.27 22.22 -13.68
CA LYS A 178 16.03 23.47 -13.57
C LYS A 178 15.11 24.69 -13.61
N GLY A 179 13.96 24.59 -12.97
CA GLY A 179 13.02 25.70 -12.88
C GLY A 179 12.19 25.94 -14.13
N LEU A 180 12.26 25.02 -15.09
CA LEU A 180 11.46 25.11 -16.32
C LEU A 180 10.39 24.01 -16.31
N VAL A 181 9.17 24.36 -16.70
CA VAL A 181 8.10 23.37 -16.79
C VAL A 181 8.31 22.45 -17.99
N ILE A 182 8.38 21.16 -17.74
CA ILE A 182 8.60 20.19 -18.81
C ILE A 182 7.39 19.28 -19.03
N LYS A 183 6.45 19.32 -18.09
CA LYS A 183 5.20 18.57 -18.21
C LYS A 183 4.17 19.10 -17.21
N GLU A 184 2.91 19.11 -17.62
CA GLU A 184 1.82 19.45 -16.71
C GLU A 184 0.69 18.44 -16.86
N GLU A 185 0.02 18.14 -15.74
CA GLU A 185 -1.15 17.28 -15.75
C GLU A 185 -2.26 17.97 -14.98
N ALA A 186 -3.45 18.06 -15.57
CA ALA A 186 -4.62 18.48 -14.82
C ALA A 186 -4.87 17.38 -13.81
N LEU A 187 -5.39 17.74 -12.65
CA LEU A 187 -5.67 16.74 -11.61
C LEU A 187 -6.50 15.59 -12.14
N LYS A 188 -6.07 14.36 -11.81
CA LYS A 188 -6.82 13.17 -12.15
C LYS A 188 -7.18 12.42 -10.87
N GLY A 189 -8.09 11.46 -10.98
CA GLY A 189 -8.48 10.67 -9.83
C GLY A 189 -9.79 11.10 -9.22
N SER A 190 -10.01 10.71 -7.97
CA SER A 190 -11.29 10.93 -7.30
C SER A 190 -11.25 12.05 -6.28
N ALA A 191 -10.06 12.60 -6.01
CA ALA A 191 -9.96 13.77 -5.14
C ALA A 191 -10.79 14.90 -5.74
N ARG A 192 -11.72 15.42 -4.95
CA ARG A 192 -12.65 16.44 -5.42
C ARG A 192 -12.01 17.83 -5.43
N HIS A 193 -11.11 18.06 -4.48
CA HIS A 193 -10.52 19.38 -4.29
C HIS A 193 -9.15 19.21 -3.66
N ILE A 194 -8.19 20.04 -4.08
CA ILE A 194 -6.82 19.91 -3.59
C ILE A 194 -6.24 21.25 -3.15
N GLU A 195 -5.74 21.29 -1.92
CA GLU A 195 -5.05 22.45 -1.38
C GLU A 195 -3.81 21.99 -0.60
N GLU A 196 -2.76 22.80 -0.62
CA GLU A 196 -1.63 22.66 0.32
C GLU A 196 -1.11 21.23 0.53
N CYS A 197 -0.65 20.60 -0.54
CA CYS A 197 -0.13 19.24 -0.43
C CYS A 197 1.16 19.15 0.36
N SER A 198 1.25 18.14 1.22
CA SER A 198 2.48 17.81 1.92
C SER A 198 3.06 16.55 1.30
N CYS A 199 4.22 16.69 0.66
CA CYS A 199 4.75 15.59 -0.13
C CYS A 199 6.07 15.01 0.41
N TYR A 200 6.35 13.77 0.05
CA TYR A 200 7.62 13.11 0.39
C TYR A 200 7.93 12.08 -0.69
N GLY A 201 9.22 11.78 -0.87
CA GLY A 201 9.64 10.84 -1.89
C GLY A 201 10.09 9.50 -1.34
N HIS A 202 10.00 8.47 -2.17
CA HIS A 202 10.37 7.11 -1.79
C HIS A 202 10.33 6.21 -3.03
N ASN A 203 11.41 5.46 -3.26
CA ASN A 203 11.50 4.51 -4.38
C ASN A 203 10.93 5.03 -5.71
N SER A 204 11.48 6.14 -6.18
CA SER A 204 11.11 6.74 -7.47
C SER A 204 9.66 7.19 -7.53
N LYS A 205 9.06 7.43 -6.37
CA LYS A 205 7.68 7.92 -6.30
C LYS A 205 7.57 9.08 -5.32
N VAL A 206 6.52 9.88 -5.50
CA VAL A 206 6.21 10.93 -4.54
C VAL A 206 4.76 10.78 -4.10
N THR A 207 4.55 10.81 -2.78
CA THR A 207 3.21 10.73 -2.20
C THR A 207 2.86 12.04 -1.52
N CYS A 208 1.71 12.59 -1.88
CA CYS A 208 1.23 13.84 -1.29
C CYS A 208 -0.05 13.64 -0.50
N VAL A 209 -0.05 14.07 0.75
CA VAL A 209 -1.26 14.10 1.54
C VAL A 209 -1.72 15.55 1.62
N CYS A 210 -2.95 15.80 1.17
CA CYS A 210 -3.39 17.17 0.91
C CYS A 210 -4.59 17.59 1.76
N ARG A 211 -5.19 18.70 1.36
CA ARG A 211 -6.30 19.30 2.08
C ARG A 211 -7.46 19.52 1.13
N ASP A 212 -8.56 18.82 1.37
CA ASP A 212 -9.81 19.10 0.67
C ASP A 212 -10.44 20.23 1.46
N ASN A 213 -10.69 21.36 0.81
CA ASN A 213 -11.25 22.50 1.52
C ASN A 213 -12.70 22.72 1.13
N TRP A 214 -13.19 21.85 0.25
CA TRP A 214 -14.56 21.93 -0.23
C TRP A 214 -15.48 21.02 0.58
N GLN A 215 -15.27 19.71 0.50
CA GLN A 215 -16.22 18.76 1.08
C GLN A 215 -15.63 17.81 2.13
N GLY A 216 -14.31 17.64 2.13
CA GLY A 216 -13.72 16.52 2.86
C GLY A 216 -13.02 16.77 4.17
N ALA A 217 -13.43 16.01 5.19
CA ALA A 217 -12.74 15.98 6.46
C ALA A 217 -11.72 14.84 6.45
N ASN A 218 -11.83 13.98 5.43
CA ASN A 218 -10.77 13.03 5.11
C ASN A 218 -9.84 13.66 4.08
N ARG A 219 -8.54 13.40 4.20
CA ARG A 219 -7.56 14.09 3.36
C ARG A 219 -7.38 13.41 2.00
N PRO A 220 -7.41 14.21 0.93
CA PRO A 220 -7.11 13.66 -0.39
C PRO A 220 -5.64 13.23 -0.44
N VAL A 221 -5.33 12.27 -1.31
CA VAL A 221 -3.96 11.81 -1.48
C VAL A 221 -3.62 11.82 -2.97
N ILE A 222 -2.44 12.32 -3.31
CA ILE A 222 -1.94 12.26 -4.69
C ILE A 222 -0.75 11.32 -4.76
N GLU A 223 -0.77 10.41 -5.73
CA GLU A 223 0.32 9.46 -5.91
C GLU A 223 1.02 9.73 -7.24
N ILE A 224 2.34 9.91 -7.19
CA ILE A 224 3.10 10.28 -8.38
C ILE A 224 4.21 9.27 -8.69
N ASP A 225 4.28 8.86 -9.96
CA ASP A 225 5.39 8.07 -10.49
C ASP A 225 6.37 9.06 -11.12
N MET A 226 7.56 9.18 -10.53
CA MET A 226 8.51 10.23 -10.94
C MET A 226 9.31 9.88 -12.19
N ASN A 227 9.31 8.60 -12.58
CA ASN A 227 9.98 8.19 -13.81
C ASN A 227 9.07 8.40 -15.02
N ALA A 228 7.79 8.08 -14.86
CA ALA A 228 6.81 8.26 -15.91
C ALA A 228 6.20 9.66 -15.89
N MET A 229 6.30 10.33 -14.75
CA MET A 229 5.72 11.65 -14.53
C MET A 229 4.20 11.62 -14.73
N GLU A 230 3.56 10.71 -14.02
CA GLU A 230 2.10 10.58 -14.06
C GLU A 230 1.58 10.47 -12.64
N HIS A 231 0.36 10.94 -12.42
CA HIS A 231 -0.21 10.93 -11.09
C HIS A 231 -1.64 10.42 -11.12
N THR A 232 -2.15 10.07 -9.95
CA THR A 232 -3.57 9.83 -9.76
C THR A 232 -3.90 10.34 -8.36
N SER A 233 -5.18 10.33 -8.00
CA SER A 233 -5.58 10.80 -6.68
C SER A 233 -6.76 10.02 -6.13
N GLN A 234 -6.92 10.10 -4.82
CA GLN A 234 -7.99 9.41 -4.12
C GLN A 234 -8.09 10.07 -2.76
N TYR A 235 -8.76 9.41 -1.82
CA TYR A 235 -8.73 9.84 -0.43
C TYR A 235 -8.06 8.77 0.41
N LEU A 236 -7.62 9.14 1.60
CA LEU A 236 -7.22 8.15 2.59
C LEU A 236 -8.41 7.24 2.85
N CYS A 237 -8.15 5.94 3.02
CA CYS A 237 -9.24 4.98 3.20
C CYS A 237 -9.78 4.96 4.63
N THR A 238 -8.93 5.25 5.59
CA THR A 238 -9.31 5.13 7.00
C THR A 238 -10.48 6.04 7.37
N GLY A 239 -11.29 5.56 8.32
CA GLY A 239 -12.39 6.35 8.85
C GLY A 239 -11.89 7.34 9.89
N VAL A 240 -10.62 7.24 10.25
CA VAL A 240 -10.00 8.22 11.13
C VAL A 240 -9.71 9.51 10.35
N LEU A 241 -10.41 10.57 10.70
CA LEU A 241 -10.35 11.84 9.97
C LEU A 241 -9.24 12.76 10.50
N THR A 242 -8.44 13.31 9.59
CA THR A 242 -7.27 14.08 10.00
C THR A 242 -7.26 15.54 9.53
N ASP A 243 -8.36 16.01 8.93
CA ASP A 243 -8.46 17.43 8.64
C ASP A 243 -9.09 18.15 9.83
N THR A 244 -9.16 19.48 9.75
CA THR A 244 -9.78 20.29 10.79
C THR A 244 -10.45 21.45 10.07
N SER A 245 -11.73 21.70 10.32
CA SER A 245 -12.52 20.94 11.28
C SER A 245 -13.00 19.60 10.72
N ARG A 246 -13.49 18.75 11.60
CA ARG A 246 -13.91 17.42 11.21
C ARG A 246 -15.00 16.92 12.14
N PRO A 247 -15.89 16.05 11.64
CA PRO A 247 -16.85 15.36 12.51
C PRO A 247 -16.12 14.21 13.21
N SER A 248 -16.80 13.42 14.02
CA SER A 248 -16.16 12.29 14.69
C SER A 248 -15.69 11.23 13.69
N ASP A 249 -14.74 10.39 14.13
CA ASP A 249 -14.21 9.33 13.29
C ASP A 249 -15.27 8.29 12.95
N LYS A 250 -15.27 7.84 11.69
CA LYS A 250 -16.18 6.81 11.23
C LYS A 250 -15.52 5.44 11.42
N SER A 251 -16.34 4.42 11.63
CA SER A 251 -15.83 3.05 11.71
C SER A 251 -15.34 2.61 10.35
N ILE A 252 -15.99 3.11 9.30
CA ILE A 252 -15.61 2.81 7.93
C ILE A 252 -15.37 4.09 7.13
N GLY A 253 -14.20 4.22 6.52
CA GLY A 253 -13.88 5.39 5.72
C GLY A 253 -14.28 5.22 4.26
N ASP A 254 -13.78 6.11 3.41
CA ASP A 254 -14.13 6.07 1.99
C ASP A 254 -12.91 6.44 1.14
N CYS A 255 -12.39 5.46 0.39
CA CYS A 255 -11.19 5.65 -0.41
C CYS A 255 -11.36 6.60 -1.59
N ASN A 256 -12.62 6.87 -1.96
CA ASN A 256 -12.87 7.53 -3.24
C ASN A 256 -13.80 8.73 -3.19
N ASN A 257 -14.37 9.01 -2.02
CA ASN A 257 -15.28 10.12 -1.86
C ASN A 257 -14.99 10.86 -0.56
N PRO A 258 -15.23 12.18 -0.54
CA PRO A 258 -14.95 12.92 0.69
C PRO A 258 -15.98 12.61 1.77
N ILE A 259 -15.56 12.67 3.02
CA ILE A 259 -16.46 12.49 4.15
C ILE A 259 -16.84 13.85 4.71
N THR A 260 -18.12 14.18 4.64
CA THR A 260 -18.62 15.50 4.99
C THR A 260 -18.98 15.60 6.47
N GLY A 261 -19.55 16.73 6.86
CA GLY A 261 -19.99 16.94 8.23
C GLY A 261 -19.19 17.95 8.99
N SER A 262 -18.24 18.60 8.31
CA SER A 262 -17.30 19.53 8.94
C SER A 262 -17.97 20.77 9.53
N PRO A 263 -18.09 20.83 10.87
CA PRO A 263 -18.85 21.84 11.59
C PRO A 263 -18.49 23.29 11.27
N GLY A 264 -17.19 23.58 11.15
CA GLY A 264 -16.75 24.94 10.97
C GLY A 264 -15.74 25.15 9.87
N ALA A 265 -14.47 25.32 10.28
CA ALA A 265 -13.38 25.59 9.34
C ALA A 265 -13.27 24.51 8.26
N PRO A 266 -13.16 24.95 7.00
CA PRO A 266 -13.14 24.04 5.84
C PRO A 266 -11.89 23.16 5.73
N GLY A 267 -10.80 23.54 6.40
CA GLY A 267 -9.59 22.74 6.32
C GLY A 267 -8.37 23.31 7.00
N VAL A 268 -7.35 22.45 7.14
CA VAL A 268 -6.02 22.88 7.58
C VAL A 268 -4.98 22.00 6.89
N LYS A 269 -3.84 22.59 6.54
CA LYS A 269 -2.76 21.84 5.93
C LYS A 269 -2.25 20.77 6.89
N GLY A 270 -2.11 19.55 6.39
CA GLY A 270 -1.66 18.43 7.20
C GLY A 270 -0.83 17.49 6.37
N PHE A 271 -0.43 16.38 6.95
CA PHE A 271 0.48 15.48 6.28
C PHE A 271 0.23 14.05 6.74
N GLY A 272 0.89 13.12 6.07
CA GLY A 272 0.85 11.73 6.46
C GLY A 272 1.93 10.95 5.75
N PHE A 273 2.38 9.88 6.38
CA PHE A 273 3.34 8.96 5.76
C PHE A 273 2.66 7.61 5.59
N LEU A 274 2.50 7.20 4.33
CA LEU A 274 1.78 5.97 4.00
C LEU A 274 2.75 4.84 3.66
N ASP A 275 2.81 3.84 4.54
CA ASP A 275 3.76 2.76 4.39
C ASP A 275 3.25 1.49 5.07
N SER A 276 2.10 1.01 4.62
CA SER A 276 1.46 -0.18 5.19
C SER A 276 1.30 -0.09 6.70
N GLY A 277 1.88 -1.05 7.41
CA GLY A 277 1.84 -1.04 8.86
C GLY A 277 2.61 0.12 9.46
N ASN A 278 3.61 0.61 8.73
CA ASN A 278 4.40 1.77 9.14
C ASN A 278 3.75 3.08 8.69
N THR A 279 2.43 3.20 8.90
CA THR A 279 1.69 4.38 8.45
C THR A 279 1.37 5.32 9.61
N TRP A 280 1.65 6.61 9.41
CA TRP A 280 1.46 7.62 10.45
C TRP A 280 0.73 8.84 9.88
N LEU A 281 -0.32 9.28 10.55
CA LEU A 281 -1.02 10.51 10.17
C LEU A 281 -0.96 11.52 11.31
N GLY A 282 -0.85 12.80 10.97
CA GLY A 282 -0.89 13.85 11.98
C GLY A 282 -2.24 14.50 11.99
N ARG A 283 -2.60 15.13 13.11
CA ARG A 283 -3.91 15.77 13.25
C ARG A 283 -3.93 16.65 14.50
N THR A 284 -4.69 17.74 14.45
CA THR A 284 -4.92 18.54 15.65
C THR A 284 -5.77 17.73 16.62
N ILE A 285 -5.52 17.87 17.91
CA ILE A 285 -6.31 17.16 18.91
C ILE A 285 -7.77 17.57 18.85
N SER A 286 -8.03 18.88 18.80
CA SER A 286 -9.38 19.39 18.61
C SER A 286 -9.88 19.16 17.19
N PRO A 287 -11.11 18.67 17.04
CA PRO A 287 -11.75 18.47 15.74
C PRO A 287 -12.39 19.76 15.24
N ARG A 288 -12.33 20.80 16.06
CA ARG A 288 -12.92 22.09 15.74
C ARG A 288 -11.85 23.15 15.50
N SER A 289 -10.83 23.14 16.37
CA SER A 289 -9.85 24.21 16.41
C SER A 289 -8.44 23.74 16.13
N ARG A 290 -7.60 24.66 15.66
CA ARG A 290 -6.20 24.40 15.43
C ARG A 290 -5.44 24.43 16.76
N SER A 291 -5.79 23.50 17.63
CA SER A 291 -5.14 23.39 18.93
C SER A 291 -4.74 21.94 19.18
N GLY A 292 -3.61 21.75 19.84
CA GLY A 292 -3.09 20.41 20.05
C GLY A 292 -2.53 19.80 18.79
N PHE A 293 -1.71 18.77 18.95
CA PHE A 293 -1.25 18.00 17.80
C PHE A 293 -0.82 16.60 18.24
N GLU A 294 -1.29 15.60 17.51
CA GLU A 294 -0.96 14.21 17.80
C GLU A 294 -0.55 13.47 16.54
N MET A 295 0.35 12.51 16.70
CA MET A 295 0.69 11.60 15.62
C MET A 295 -0.02 10.29 15.86
N LEU A 296 -0.67 9.77 14.82
CA LEU A 296 -1.43 8.53 14.93
C LEU A 296 -0.82 7.47 14.02
N LYS A 297 -0.49 6.32 14.61
CA LYS A 297 -0.09 5.20 13.80
C LYS A 297 -1.34 4.43 13.38
N ILE A 298 -1.65 4.47 12.09
CA ILE A 298 -2.85 3.85 11.57
C ILE A 298 -2.48 2.89 10.42
N PRO A 299 -2.22 1.61 10.76
CA PRO A 299 -1.75 0.63 9.77
C PRO A 299 -2.65 0.56 8.55
N ASN A 300 -2.07 0.66 7.37
CA ASN A 300 -2.81 0.62 6.11
C ASN A 300 -3.91 1.66 5.95
N ALA A 301 -3.69 2.85 6.51
CA ALA A 301 -4.65 3.93 6.43
C ALA A 301 -4.95 4.32 4.99
N GLY A 302 -3.99 4.07 4.11
CA GLY A 302 -4.11 4.44 2.71
C GLY A 302 -4.79 3.40 1.83
N THR A 303 -5.00 2.19 2.37
CA THR A 303 -5.59 1.10 1.59
C THR A 303 -6.80 0.44 2.27
N ASP A 304 -6.93 0.60 3.58
CA ASP A 304 -7.94 -0.14 4.35
C ASP A 304 -9.01 0.76 4.97
N PRO A 305 -10.25 0.64 4.48
CA PRO A 305 -11.41 1.41 4.97
C PRO A 305 -11.71 1.14 6.45
N ASN A 306 -11.31 -0.02 6.96
CA ASN A 306 -11.57 -0.40 8.34
C ASN A 306 -10.37 -0.17 9.26
N SER A 307 -9.32 0.44 8.73
CA SER A 307 -8.09 0.66 9.51
C SER A 307 -8.33 1.53 10.74
N ARG A 308 -7.53 1.26 11.78
CA ARG A 308 -7.76 1.83 13.09
C ARG A 308 -6.44 2.35 13.68
N ILE A 309 -6.53 3.30 14.61
CA ILE A 309 -5.38 3.77 15.38
C ILE A 309 -4.82 2.65 16.24
N THR A 310 -3.52 2.38 16.14
CA THR A 310 -2.90 1.37 16.99
C THR A 310 -1.91 1.98 17.98
N GLU A 311 -1.35 3.14 17.64
CA GLU A 311 -0.46 3.86 18.53
C GLU A 311 -0.70 5.36 18.40
N ARG A 312 -0.33 6.12 19.43
CA ARG A 312 -0.56 7.55 19.44
C ARG A 312 0.56 8.25 20.19
N GLN A 313 0.95 9.45 19.73
CA GLN A 313 1.93 10.25 20.44
C GLN A 313 1.56 11.73 20.41
N GLU A 314 1.28 12.29 21.59
CA GLU A 314 0.99 13.71 21.70
C GLU A 314 2.25 14.53 21.49
N ILE A 315 2.16 15.53 20.61
CA ILE A 315 3.29 16.41 20.31
C ILE A 315 3.07 17.76 20.96
N VAL A 316 1.83 18.26 20.85
CA VAL A 316 1.43 19.51 21.47
C VAL A 316 0.07 19.27 22.16
N ASP A 317 -0.01 19.55 23.45
CA ASP A 317 -1.24 19.28 24.21
C ASP A 317 -2.40 20.19 23.76
N ASN A 318 -3.63 19.79 24.08
CA ASN A 318 -4.82 20.48 23.59
C ASN A 318 -5.07 21.85 24.22
N ASN A 319 -4.28 22.22 25.23
CA ASN A 319 -4.37 23.55 25.83
C ASN A 319 -3.46 24.56 25.13
N ASN A 320 -2.86 24.13 24.03
CA ASN A 320 -1.95 24.97 23.27
C ASN A 320 -2.27 24.96 21.79
N TRP A 321 -2.03 26.09 21.13
CA TRP A 321 -2.34 26.24 19.71
C TRP A 321 -1.36 25.53 18.78
N SER A 322 -1.87 24.99 17.69
CA SER A 322 -1.00 24.44 16.65
C SER A 322 -1.29 25.20 15.36
N GLY A 323 -1.39 24.49 14.25
CA GLY A 323 -1.66 25.11 12.97
C GLY A 323 -1.33 24.16 11.83
N TYR A 324 -0.76 24.71 10.76
CA TYR A 324 -0.33 23.90 9.63
C TYR A 324 0.71 22.86 10.03
N SER A 325 0.78 21.78 9.25
CA SER A 325 1.82 20.78 9.44
C SER A 325 2.15 20.16 8.10
N GLY A 326 3.38 19.71 7.94
CA GLY A 326 3.82 19.18 6.66
C GLY A 326 5.02 18.28 6.79
N SER A 327 5.31 17.56 5.72
CA SER A 327 6.38 16.58 5.75
C SER A 327 7.67 17.13 5.19
N PHE A 328 8.78 16.56 5.65
CA PHE A 328 10.07 16.78 5.01
C PHE A 328 11.00 15.60 5.34
N ILE A 329 12.01 15.41 4.50
CA ILE A 329 12.96 14.33 4.70
C ILE A 329 14.35 14.85 4.31
N ASP A 330 15.37 14.44 5.05
CA ASP A 330 16.74 14.66 4.61
C ASP A 330 17.11 13.56 3.60
N TYR A 331 17.01 13.89 2.31
CA TYR A 331 17.27 12.91 1.25
C TYR A 331 18.77 12.71 0.98
N TRP A 332 19.61 13.41 1.74
CA TRP A 332 21.05 13.35 1.49
C TRP A 332 21.83 12.77 2.67
N ASP A 333 21.14 12.04 3.53
CA ASP A 333 21.81 11.30 4.61
C ASP A 333 22.29 9.98 4.04
N GLU A 334 23.48 10.00 3.44
CA GLU A 334 24.04 8.83 2.79
C GLU A 334 24.45 7.76 3.80
N SER A 335 24.47 8.11 5.09
CA SER A 335 24.85 7.15 6.13
C SER A 335 23.67 6.30 6.62
N SER A 336 22.46 6.67 6.20
CA SER A 336 21.29 5.86 6.51
C SER A 336 20.77 5.15 5.25
N GLU A 337 20.35 3.90 5.42
CA GLU A 337 19.87 3.09 4.29
C GLU A 337 18.43 3.42 3.90
N CYS A 338 17.74 4.18 4.74
CA CYS A 338 16.35 4.54 4.46
C CYS A 338 16.15 6.05 4.62
N TYR A 339 15.01 6.54 4.12
CA TYR A 339 14.62 7.93 4.33
C TYR A 339 13.85 8.05 5.63
N ASN A 340 14.38 8.81 6.59
CA ASN A 340 13.70 9.01 7.87
C ASN A 340 12.63 10.09 7.79
N PRO A 341 11.36 9.70 7.99
CA PRO A 341 10.25 10.65 7.96
C PRO A 341 10.42 11.75 9.01
N CYS A 342 10.27 13.00 8.58
CA CYS A 342 10.27 14.12 9.50
C CYS A 342 9.07 15.00 9.24
N PHE A 343 8.72 15.84 10.20
CA PHE A 343 7.64 16.80 9.99
C PHE A 343 7.80 18.02 10.88
N TYR A 344 7.01 19.04 10.60
CA TYR A 344 7.01 20.27 11.38
C TYR A 344 5.58 20.56 11.79
N VAL A 345 5.43 21.30 12.88
CA VAL A 345 4.12 21.82 13.24
C VAL A 345 4.24 23.33 13.33
N GLU A 346 3.35 24.04 12.63
CA GLU A 346 3.25 25.48 12.77
C GLU A 346 2.49 25.80 14.05
N LEU A 347 3.09 26.60 14.93
CA LEU A 347 2.47 26.95 16.20
C LEU A 347 1.97 28.38 16.15
N ILE A 348 0.72 28.56 15.75
CA ILE A 348 0.17 29.90 15.51
C ILE A 348 -0.24 30.63 16.79
N ARG A 349 0.35 31.80 17.01
CA ARG A 349 -0.06 32.64 18.12
C ARG A 349 -0.73 33.90 17.59
N GLY A 350 -1.50 34.57 18.44
CA GLY A 350 -2.20 35.78 18.03
C GLY A 350 -3.56 35.54 17.42
N ARG A 351 -3.91 36.36 16.44
CA ARG A 351 -5.26 36.33 15.88
C ARG A 351 -5.48 35.16 14.93
N PRO A 352 -6.75 34.71 14.79
CA PRO A 352 -7.97 35.25 15.39
C PRO A 352 -8.15 34.78 16.81
N GLU A 353 -7.49 33.68 17.14
CA GLU A 353 -7.76 32.95 18.37
C GLU A 353 -7.39 33.69 19.66
N GLU A 354 -6.43 34.60 19.55
CA GLU A 354 -5.99 35.38 20.71
C GLU A 354 -6.19 36.87 20.45
N ALA A 355 -7.25 37.18 19.72
CA ALA A 355 -7.56 38.56 19.34
C ALA A 355 -7.74 39.53 20.52
N LYS A 356 -8.10 39.02 21.69
CA LYS A 356 -8.30 39.90 22.84
C LYS A 356 -6.98 40.31 23.51
N TYR A 357 -5.89 39.66 23.12
CA TYR A 357 -4.59 39.95 23.70
C TYR A 357 -3.72 40.81 22.79
N VAL A 358 -3.68 40.47 21.50
CA VAL A 358 -2.76 41.12 20.58
C VAL A 358 -3.44 41.43 19.25
N TRP A 359 -2.78 42.28 18.46
CA TRP A 359 -3.33 42.68 17.15
C TRP A 359 -2.67 41.95 15.99
N TRP A 360 -1.69 41.10 16.30
CA TRP A 360 -0.93 40.41 15.27
C TRP A 360 -1.24 38.92 15.22
N THR A 361 -0.75 38.26 14.17
CA THR A 361 -0.60 36.80 14.19
C THR A 361 0.72 36.39 13.56
N SER A 362 1.33 35.38 14.16
CA SER A 362 2.62 34.88 13.74
C SER A 362 2.74 33.49 14.32
N ASN A 363 3.79 32.77 13.95
CA ASN A 363 3.99 31.42 14.44
C ASN A 363 5.40 31.19 14.94
N SER A 364 5.55 30.18 15.78
CA SER A 364 6.86 29.58 16.02
C SER A 364 6.80 28.20 15.38
N LEU A 365 7.85 27.42 15.55
CA LEU A 365 7.96 26.15 14.82
C LEU A 365 8.56 25.06 15.71
N VAL A 366 8.05 23.84 15.56
CA VAL A 366 8.70 22.66 16.15
C VAL A 366 8.83 21.61 15.05
N ALA A 367 10.00 20.96 14.97
CA ALA A 367 10.25 19.94 13.95
C ALA A 367 10.64 18.60 14.56
N LEU A 368 10.09 17.53 14.01
CA LEU A 368 10.22 16.19 14.58
C LEU A 368 10.75 15.24 13.52
N CYS A 369 11.58 14.28 13.93
CA CYS A 369 11.99 13.19 13.05
C CYS A 369 11.70 11.84 13.69
N GLY A 370 11.52 10.81 12.88
CA GLY A 370 11.08 9.52 13.38
C GLY A 370 12.19 8.75 14.06
N SER A 371 11.80 7.80 14.90
CA SER A 371 12.74 6.85 15.48
C SER A 371 12.18 5.44 15.33
N PRO A 372 13.03 4.48 14.96
CA PRO A 372 12.62 3.10 14.71
C PRO A 372 12.43 2.33 16.02
N VAL A 373 12.73 3.00 17.12
CA VAL A 373 12.77 2.37 18.43
C VAL A 373 11.93 3.21 19.39
N PRO A 374 11.30 2.57 20.40
CA PRO A 374 10.42 3.32 21.30
C PRO A 374 11.16 4.47 21.96
N VAL A 375 10.53 5.64 22.01
CA VAL A 375 11.16 6.82 22.57
C VAL A 375 10.34 7.32 23.75
N GLY A 376 10.77 8.42 24.36
CA GLY A 376 10.09 8.99 25.50
C GLY A 376 8.93 9.89 25.12
N SER A 377 8.54 10.76 26.04
CA SER A 377 7.39 11.64 25.82
C SER A 377 7.68 13.07 26.27
N GLY A 378 6.84 13.99 25.82
CA GLY A 378 6.97 15.39 26.17
C GLY A 378 6.13 16.23 25.22
N SER A 379 5.62 17.35 25.72
CA SER A 379 4.82 18.26 24.92
C SER A 379 5.64 19.51 24.57
N PHE A 380 5.55 19.97 23.33
CA PHE A 380 6.40 21.07 22.87
C PHE A 380 5.59 22.21 22.26
N PRO A 381 4.88 22.97 23.10
CA PRO A 381 4.03 24.06 22.61
C PRO A 381 4.87 25.29 22.33
N ASP A 382 4.24 26.35 21.84
CA ASP A 382 4.95 27.58 21.51
C ASP A 382 5.75 28.15 22.70
N GLY A 383 5.08 28.27 23.85
CA GLY A 383 5.78 28.63 25.07
C GLY A 383 5.73 30.09 25.48
N ALA A 384 5.14 30.93 24.65
CA ALA A 384 5.04 32.35 24.97
C ALA A 384 3.87 32.65 25.89
N GLN A 385 4.02 33.67 26.71
CA GLN A 385 2.93 34.16 27.54
C GLN A 385 2.31 35.33 26.78
N ILE A 386 1.17 35.09 26.14
CA ILE A 386 0.60 36.08 25.23
C ILE A 386 0.31 37.42 25.92
N GLN A 387 0.00 37.38 27.21
CA GLN A 387 -0.32 38.61 27.93
C GLN A 387 0.89 39.55 28.05
N TYR A 388 2.09 39.00 27.88
CA TYR A 388 3.31 39.81 27.88
C TYR A 388 3.31 40.82 26.72
N PHE A 389 2.51 40.53 25.69
CA PHE A 389 2.51 41.31 24.46
C PHE A 389 1.40 42.37 24.42
N SER A 390 0.55 42.36 25.45
CA SER A 390 -0.67 43.17 25.47
C SER A 390 -0.42 44.59 25.95
N ASN B 1 13.22 -42.71 -10.88
CA ASN B 1 11.94 -42.37 -10.28
C ASN B 1 11.60 -40.88 -10.40
N TYR B 2 12.43 -40.11 -11.09
CA TYR B 2 12.12 -38.70 -11.32
C TYR B 2 10.85 -38.58 -12.15
N LEU B 3 9.92 -37.76 -11.67
CA LEU B 3 8.70 -37.46 -12.41
C LEU B 3 9.02 -36.86 -13.77
N MET B 4 8.51 -37.49 -14.83
CA MET B 4 8.55 -36.92 -16.16
C MET B 4 7.14 -36.47 -16.53
N LEU B 5 6.95 -35.18 -16.77
CA LEU B 5 5.65 -34.67 -17.20
C LEU B 5 5.37 -35.12 -18.64
N ASN B 6 4.83 -36.33 -18.80
CA ASN B 6 4.67 -36.91 -20.12
C ASN B 6 3.23 -37.22 -20.50
N LYS B 7 2.29 -36.58 -19.82
CA LYS B 7 0.86 -36.80 -20.09
C LYS B 7 0.14 -35.49 -20.34
N SER B 8 -1.04 -35.57 -20.95
CA SER B 8 -1.88 -34.39 -21.18
C SER B 8 -2.96 -34.36 -20.11
N LEU B 9 -3.64 -33.22 -19.98
CA LEU B 9 -4.75 -33.11 -19.05
C LEU B 9 -5.90 -34.00 -19.47
N CYS B 10 -6.58 -34.61 -18.49
CA CYS B 10 -7.80 -35.33 -18.77
C CYS B 10 -8.87 -34.34 -19.18
N LYS B 11 -9.77 -34.76 -20.08
CA LYS B 11 -10.92 -33.95 -20.41
C LYS B 11 -11.83 -33.86 -19.19
N VAL B 12 -12.34 -32.67 -18.91
CA VAL B 12 -13.15 -32.45 -17.72
C VAL B 12 -14.50 -31.87 -18.10
N GLU B 13 -15.57 -32.57 -17.72
CA GLU B 13 -16.93 -32.12 -17.98
C GLU B 13 -17.61 -31.64 -16.70
N GLY B 14 -17.06 -32.06 -15.56
CA GLY B 14 -17.59 -31.68 -14.27
C GLY B 14 -16.60 -31.96 -13.15
N TRP B 15 -16.92 -31.53 -11.94
CA TRP B 15 -16.01 -31.68 -10.81
C TRP B 15 -16.69 -32.39 -9.63
N VAL B 16 -15.96 -33.31 -9.00
CA VAL B 16 -16.45 -34.00 -7.81
C VAL B 16 -15.55 -33.74 -6.62
N VAL B 17 -16.13 -33.71 -5.43
CA VAL B 17 -15.39 -33.46 -4.19
C VAL B 17 -14.65 -34.71 -3.75
N VAL B 18 -13.34 -34.59 -3.54
CA VAL B 18 -12.53 -35.73 -3.11
C VAL B 18 -12.14 -35.61 -1.64
N ALA B 19 -12.23 -34.40 -1.10
CA ALA B 19 -11.86 -34.15 0.28
C ALA B 19 -12.49 -32.86 0.79
N LYS B 20 -12.85 -32.86 2.08
CA LYS B 20 -13.38 -31.69 2.75
C LYS B 20 -13.12 -31.89 4.24
N ASP B 21 -12.32 -31.01 4.84
CA ASP B 21 -11.86 -31.29 6.20
C ASP B 21 -12.81 -30.86 7.32
N ASN B 22 -13.80 -30.03 6.99
CA ASN B 22 -14.77 -29.54 7.96
C ASN B 22 -14.08 -28.96 9.19
N ALA B 23 -12.93 -28.33 8.96
CA ALA B 23 -12.07 -27.86 10.03
C ALA B 23 -12.72 -26.93 11.07
N ILE B 24 -13.43 -25.91 10.61
CA ILE B 24 -14.07 -24.97 11.54
C ILE B 24 -15.15 -25.66 12.38
N ARG B 25 -15.93 -26.54 11.75
CA ARG B 25 -16.96 -27.31 12.44
C ARG B 25 -16.34 -28.13 13.58
N PHE B 26 -15.36 -28.96 13.26
CA PHE B 26 -14.63 -29.72 14.28
C PHE B 26 -14.00 -28.77 15.31
N GLY B 27 -13.53 -27.61 14.82
CA GLY B 27 -12.80 -26.67 15.63
C GLY B 27 -13.61 -25.96 16.70
N GLU B 28 -14.92 -26.24 16.76
CA GLU B 28 -15.75 -25.70 17.82
C GLU B 28 -15.40 -26.36 19.14
N SER B 29 -14.79 -27.54 19.08
CA SER B 29 -14.48 -28.28 20.31
C SER B 29 -13.13 -29.01 20.26
N GLU B 30 -12.77 -29.55 19.11
CA GLU B 30 -11.49 -30.22 18.98
C GLU B 30 -10.39 -29.18 18.78
N GLN B 31 -9.16 -29.54 19.12
CA GLN B 31 -8.06 -28.60 19.03
C GLN B 31 -7.56 -28.44 17.58
N ILE B 32 -8.40 -27.87 16.72
CA ILE B 32 -8.03 -27.65 15.32
C ILE B 32 -7.06 -26.46 15.21
N ILE B 33 -5.97 -26.67 14.48
CA ILE B 33 -4.94 -25.65 14.29
C ILE B 33 -5.46 -24.52 13.42
N VAL B 34 -5.22 -23.27 13.85
CA VAL B 34 -5.62 -22.11 13.05
C VAL B 34 -4.70 -22.00 11.85
N THR B 35 -5.29 -21.91 10.66
CA THR B 35 -4.51 -21.85 9.42
C THR B 35 -5.05 -20.80 8.46
N ARG B 36 -4.31 -20.59 7.38
CA ARG B 36 -4.82 -19.91 6.19
C ARG B 36 -3.91 -20.23 5.03
N GLU B 37 -4.22 -19.79 3.83
CA GLU B 37 -3.45 -20.04 2.63
C GLU B 37 -3.09 -21.57 2.47
N PRO B 38 -4.07 -22.45 2.45
CA PRO B 38 -3.76 -23.87 2.35
C PRO B 38 -3.61 -24.28 0.90
N TYR B 39 -3.14 -25.51 0.69
CA TYR B 39 -3.15 -26.11 -0.63
C TYR B 39 -3.05 -27.61 -0.51
N VAL B 40 -2.89 -28.28 -1.64
CA VAL B 40 -2.79 -29.73 -1.67
C VAL B 40 -1.61 -30.12 -2.56
N SER B 41 -0.86 -31.14 -2.14
CA SER B 41 0.26 -31.64 -2.94
C SER B 41 0.37 -33.15 -2.79
N CYS B 42 0.61 -33.84 -3.90
CA CYS B 42 0.73 -35.30 -3.88
C CYS B 42 2.16 -35.76 -4.10
N ASP B 43 2.39 -37.04 -3.90
CA ASP B 43 3.68 -37.67 -4.17
C ASP B 43 3.40 -39.16 -4.37
N PRO B 44 4.43 -39.98 -4.67
CA PRO B 44 4.15 -41.40 -4.88
C PRO B 44 3.38 -42.10 -3.75
N LEU B 45 3.48 -41.62 -2.51
CA LEU B 45 2.86 -42.30 -1.38
C LEU B 45 1.41 -41.87 -1.10
N GLY B 46 1.07 -40.63 -1.47
CA GLY B 46 -0.29 -40.14 -1.28
C GLY B 46 -0.43 -38.64 -1.46
N CYS B 47 -1.49 -38.07 -0.90
CA CYS B 47 -1.72 -36.63 -0.99
C CYS B 47 -1.94 -36.04 0.39
N LYS B 48 -1.43 -34.84 0.63
CA LYS B 48 -1.61 -34.20 1.92
C LYS B 48 -2.10 -32.77 1.72
N MET B 49 -2.80 -32.25 2.71
CA MET B 49 -3.16 -30.84 2.73
C MET B 49 -2.00 -30.08 3.35
N TYR B 50 -1.68 -28.91 2.78
CA TYR B 50 -0.61 -28.07 3.30
C TYR B 50 -1.21 -26.74 3.70
N ALA B 51 -0.72 -26.15 4.79
CA ALA B 51 -1.25 -24.86 5.21
C ALA B 51 -0.30 -24.10 6.13
N LEU B 52 -0.46 -22.78 6.17
CA LEU B 52 0.30 -21.95 7.08
C LEU B 52 -0.41 -21.82 8.42
N HIS B 53 0.12 -22.48 9.44
CA HIS B 53 -0.50 -22.42 10.76
C HIS B 53 -0.20 -21.09 11.43
N GLN B 54 -0.98 -20.73 12.45
CA GLN B 54 -0.76 -19.47 13.17
C GLN B 54 -0.23 -19.69 14.58
N GLY B 55 0.27 -20.88 14.85
CA GLY B 55 0.88 -21.20 16.13
C GLY B 55 -0.12 -21.23 17.27
N THR B 56 -1.35 -21.64 16.96
CA THR B 56 -2.40 -21.72 17.96
C THR B 56 -3.56 -22.54 17.41
N THR B 57 -4.47 -22.95 18.29
CA THR B 57 -5.73 -23.55 17.85
C THR B 57 -6.84 -22.51 17.93
N ILE B 58 -8.03 -22.86 17.43
CA ILE B 58 -9.15 -21.92 17.38
C ILE B 58 -9.69 -21.59 18.76
N ARG B 59 -10.01 -22.64 19.50
CA ARG B 59 -10.52 -22.54 20.86
C ARG B 59 -9.34 -22.32 21.82
N ASN B 60 -8.57 -21.28 21.55
CA ASN B 60 -7.36 -20.97 22.29
C ASN B 60 -7.31 -19.46 22.31
N LYS B 61 -6.95 -18.87 23.44
CA LYS B 61 -6.97 -17.40 23.56
C LYS B 61 -6.02 -16.73 22.56
N HIS B 62 -5.02 -17.48 22.10
CA HIS B 62 -4.07 -16.98 21.13
C HIS B 62 -4.62 -16.91 19.70
N SER B 63 -5.86 -17.35 19.51
CA SER B 63 -6.49 -17.23 18.19
C SER B 63 -6.89 -15.77 17.95
N ASN B 64 -6.94 -14.99 19.02
CA ASN B 64 -7.20 -13.56 18.93
C ASN B 64 -6.04 -12.88 18.22
N GLY B 65 -6.32 -12.25 17.08
CA GLY B 65 -5.29 -11.53 16.34
C GLY B 65 -4.78 -12.32 15.14
N THR B 66 -5.40 -13.47 14.85
CA THR B 66 -4.95 -14.32 13.76
C THR B 66 -5.33 -13.79 12.37
N ILE B 67 -5.85 -12.56 12.33
CA ILE B 67 -6.07 -11.88 11.05
C ILE B 67 -4.74 -11.49 10.44
N HIS B 68 -3.72 -11.32 11.28
CA HIS B 68 -2.40 -10.92 10.80
C HIS B 68 -1.78 -11.98 9.91
N ASP B 69 -1.11 -11.54 8.86
CA ASP B 69 -0.58 -12.43 7.83
C ASP B 69 0.80 -12.96 8.18
N ARG B 70 1.60 -12.13 8.85
CA ARG B 70 3.00 -12.46 9.09
C ARG B 70 3.39 -12.30 10.56
N THR B 71 3.66 -13.43 11.23
CA THR B 71 4.19 -13.40 12.58
C THR B 71 5.33 -14.42 12.69
N ALA B 72 6.04 -14.40 13.82
CA ALA B 72 7.12 -15.36 14.05
C ALA B 72 6.59 -16.73 14.45
N PHE B 73 5.27 -16.82 14.63
CA PHE B 73 4.64 -18.01 15.18
C PHE B 73 3.89 -18.77 14.09
N ARG B 74 4.12 -18.38 12.85
CA ARG B 74 3.60 -19.07 11.71
C ARG B 74 4.59 -20.10 11.10
N GLY B 75 4.05 -21.08 10.45
CA GLY B 75 4.87 -22.11 9.83
C GLY B 75 4.01 -22.96 8.91
N LEU B 76 4.63 -23.91 8.23
CA LEU B 76 3.94 -24.78 7.30
C LEU B 76 3.65 -26.13 7.93
N ILE B 77 2.40 -26.58 7.84
CA ILE B 77 2.06 -27.94 8.29
C ILE B 77 1.56 -28.77 7.11
N SER B 78 1.76 -30.07 7.16
CA SER B 78 1.09 -30.97 6.22
C SER B 78 0.29 -31.98 7.01
N THR B 79 -0.92 -32.29 6.53
CA THR B 79 -1.79 -33.22 7.20
C THR B 79 -2.46 -34.09 6.13
N PRO B 80 -2.82 -35.34 6.47
CA PRO B 80 -3.42 -36.24 5.48
C PRO B 80 -4.65 -35.62 4.82
N LEU B 81 -4.74 -35.71 3.50
CA LEU B 81 -5.83 -35.10 2.75
C LEU B 81 -7.19 -35.58 3.23
N GLY B 82 -8.06 -34.63 3.58
CA GLY B 82 -9.39 -34.96 4.04
C GLY B 82 -9.56 -34.75 5.53
N SER B 83 -8.46 -34.82 6.27
CA SER B 83 -8.48 -34.62 7.72
C SER B 83 -8.33 -33.15 8.08
N PRO B 84 -9.03 -32.72 9.14
CA PRO B 84 -8.76 -31.39 9.69
C PRO B 84 -7.44 -31.44 10.45
N PRO B 85 -6.70 -30.33 10.51
CA PRO B 85 -5.37 -30.37 11.12
C PRO B 85 -5.38 -30.21 12.64
N ILE B 86 -4.83 -31.21 13.33
CA ILE B 86 -4.58 -31.11 14.77
C ILE B 86 -3.11 -31.45 14.94
N VAL B 87 -2.54 -31.16 16.12
CA VAL B 87 -1.11 -31.43 16.35
C VAL B 87 -0.77 -32.91 16.09
N SER B 88 -1.68 -33.79 16.50
CA SER B 88 -1.48 -35.23 16.42
C SER B 88 -1.32 -35.79 14.98
N ASN B 89 -1.96 -35.15 14.01
CA ASN B 89 -1.89 -35.65 12.64
C ASN B 89 -1.12 -34.72 11.67
N SER B 90 -0.49 -33.70 12.22
CA SER B 90 0.17 -32.70 11.40
C SER B 90 1.69 -32.72 11.51
N ASP B 91 2.34 -32.57 10.36
CA ASP B 91 3.79 -32.50 10.26
C ASP B 91 4.18 -31.03 10.20
N PHE B 92 4.98 -30.56 11.14
CA PHE B 92 5.44 -29.17 11.12
C PHE B 92 6.73 -29.05 10.32
N LEU B 93 6.59 -28.65 9.06
CA LEU B 93 7.64 -28.78 8.04
C LEU B 93 8.71 -27.69 8.09
N CYS B 94 8.28 -26.44 8.23
CA CYS B 94 9.22 -25.33 8.31
C CYS B 94 8.57 -24.11 8.95
N VAL B 95 9.35 -23.05 9.11
CA VAL B 95 8.89 -21.86 9.82
C VAL B 95 8.83 -20.70 8.86
N GLY B 96 7.71 -19.99 8.84
CA GLY B 96 7.54 -18.87 7.93
C GLY B 96 6.10 -18.57 7.62
N TRP B 97 5.88 -17.61 6.72
CA TRP B 97 4.56 -17.09 6.45
C TRP B 97 4.22 -17.02 4.96
N SER B 98 4.96 -17.79 4.16
CA SER B 98 4.69 -17.94 2.75
C SER B 98 5.39 -19.23 2.32
N SER B 99 4.76 -20.02 1.45
CA SER B 99 5.34 -21.32 1.13
C SER B 99 4.94 -21.92 -0.21
N THR B 100 5.67 -22.98 -0.57
CA THR B 100 5.31 -23.87 -1.65
C THR B 100 6.00 -25.20 -1.36
N SER B 101 5.56 -26.26 -2.03
CA SER B 101 6.15 -27.58 -1.83
C SER B 101 5.77 -28.47 -3.00
N CYS B 102 6.65 -29.40 -3.35
CA CYS B 102 6.37 -30.33 -4.44
C CYS B 102 7.34 -31.51 -4.41
N HIS B 103 6.91 -32.62 -5.00
CA HIS B 103 7.71 -33.84 -5.02
C HIS B 103 8.20 -34.10 -6.44
N ASP B 104 9.49 -34.44 -6.58
CA ASP B 104 10.09 -34.65 -7.90
C ASP B 104 10.03 -36.10 -8.36
N GLY B 105 9.40 -36.95 -7.56
CA GLY B 105 9.31 -38.36 -7.86
C GLY B 105 10.19 -39.18 -6.94
N ILE B 106 11.24 -38.54 -6.45
CA ILE B 106 12.19 -39.18 -5.53
C ILE B 106 12.15 -38.53 -4.14
N GLY B 107 12.14 -37.21 -4.10
CA GLY B 107 12.10 -36.49 -2.84
C GLY B 107 11.27 -35.21 -2.91
N ARG B 108 10.82 -34.73 -1.75
CA ARG B 108 10.01 -33.52 -1.69
C ARG B 108 10.87 -32.29 -1.42
N MET B 109 10.63 -31.23 -2.19
CA MET B 109 11.20 -29.91 -1.90
C MET B 109 10.13 -29.03 -1.28
N THR B 110 10.46 -28.32 -0.20
CA THR B 110 9.53 -27.35 0.35
C THR B 110 10.22 -26.05 0.75
N ILE B 111 9.49 -24.94 0.66
CA ILE B 111 10.05 -23.63 0.89
C ILE B 111 9.20 -22.83 1.87
N CYS B 112 9.84 -22.25 2.89
CA CYS B 112 9.15 -21.33 3.81
C CYS B 112 9.88 -20.00 3.77
N VAL B 113 9.15 -18.91 3.56
CA VAL B 113 9.74 -17.57 3.68
C VAL B 113 9.47 -17.03 5.07
N GLN B 114 10.52 -16.54 5.73
CA GLN B 114 10.44 -16.14 7.13
C GLN B 114 11.15 -14.81 7.38
N GLY B 115 10.92 -14.24 8.55
CA GLY B 115 11.65 -13.05 8.96
C GLY B 115 10.86 -11.77 8.85
N ASN B 116 11.56 -10.66 9.00
CA ASN B 116 10.97 -9.33 8.88
C ASN B 116 10.62 -8.97 7.44
N ASN B 117 9.64 -8.07 7.28
CA ASN B 117 9.17 -7.65 5.95
C ASN B 117 10.27 -7.12 5.03
N ASP B 118 11.21 -6.36 5.59
CA ASP B 118 12.25 -5.74 4.78
C ASP B 118 13.54 -6.57 4.71
N ASN B 119 13.54 -7.71 5.39
CA ASN B 119 14.74 -8.54 5.46
C ASN B 119 14.35 -10.01 5.58
N ALA B 120 13.50 -10.47 4.67
CA ALA B 120 13.04 -11.86 4.71
C ALA B 120 14.02 -12.81 4.04
N THR B 121 13.91 -14.09 4.35
CA THR B 121 14.71 -15.09 3.70
C THR B 121 13.91 -16.37 3.47
N ALA B 122 14.04 -16.93 2.27
CA ALA B 122 13.40 -18.19 1.95
C ALA B 122 14.25 -19.34 2.51
N THR B 123 13.63 -20.23 3.26
CA THR B 123 14.30 -21.44 3.70
C THR B 123 13.86 -22.60 2.81
N VAL B 124 14.82 -23.24 2.14
CA VAL B 124 14.53 -24.30 1.18
C VAL B 124 14.96 -25.66 1.70
N TYR B 125 14.07 -26.64 1.60
CA TYR B 125 14.31 -27.97 2.14
C TYR B 125 14.16 -29.00 1.03
N TYR B 126 14.96 -30.07 1.11
CA TYR B 126 14.80 -31.20 0.21
C TYR B 126 14.92 -32.46 1.07
N ASP B 127 13.91 -33.33 0.98
CA ASP B 127 13.85 -34.52 1.83
C ASP B 127 13.94 -34.15 3.31
N ARG B 128 13.35 -33.00 3.64
CA ARG B 128 13.23 -32.48 5.01
C ARG B 128 14.54 -31.93 5.59
N ARG B 129 15.56 -31.84 4.73
CA ARG B 129 16.84 -31.25 5.11
C ARG B 129 17.00 -29.86 4.51
N LEU B 130 17.46 -28.90 5.32
CA LEU B 130 17.74 -27.56 4.80
C LEU B 130 18.84 -27.66 3.77
N THR B 131 18.61 -27.12 2.58
CA THR B 131 19.58 -27.25 1.50
C THR B 131 20.10 -25.90 1.01
N THR B 132 19.25 -24.88 1.02
CA THR B 132 19.67 -23.54 0.61
C THR B 132 18.81 -22.44 1.24
N THR B 133 19.37 -21.25 1.35
CA THR B 133 18.62 -20.06 1.78
C THR B 133 18.65 -19.04 0.65
N ILE B 134 17.58 -18.27 0.53
CA ILE B 134 17.49 -17.24 -0.50
C ILE B 134 17.08 -15.93 0.15
N LYS B 135 17.98 -14.94 0.10
CA LYS B 135 17.69 -13.66 0.75
C LYS B 135 16.80 -12.80 -0.12
N THR B 136 16.02 -11.95 0.52
CA THR B 136 15.21 -10.95 -0.17
C THR B 136 16.07 -10.17 -1.17
N TRP B 137 15.55 -9.95 -2.37
CA TRP B 137 16.29 -9.19 -3.37
C TRP B 137 15.73 -7.78 -3.60
N ALA B 138 14.58 -7.49 -3.00
CA ALA B 138 13.94 -6.18 -3.16
C ALA B 138 13.56 -5.55 -1.83
N GLY B 139 13.82 -6.27 -0.74
CA GLY B 139 13.56 -5.75 0.60
C GLY B 139 12.12 -5.47 0.94
N ASN B 140 11.19 -6.26 0.40
CA ASN B 140 9.77 -6.07 0.72
C ASN B 140 8.92 -7.34 0.55
N ILE B 141 8.78 -8.10 1.64
CA ILE B 141 7.97 -9.30 1.67
C ILE B 141 8.26 -10.26 0.52
N LEU B 142 9.47 -10.82 0.51
CA LEU B 142 9.80 -11.92 -0.38
C LEU B 142 8.72 -12.97 -0.20
N ARG B 143 8.14 -13.44 -1.30
CA ARG B 143 6.98 -14.31 -1.20
C ARG B 143 6.83 -15.26 -2.38
N THR B 144 5.99 -16.28 -2.22
CA THR B 144 5.84 -17.30 -3.26
C THR B 144 4.40 -17.79 -3.44
N GLN B 145 4.24 -19.01 -3.95
CA GLN B 145 2.98 -19.45 -4.54
C GLN B 145 1.78 -19.68 -3.63
N GLU B 146 2.02 -20.19 -2.42
CA GLU B 146 0.94 -20.67 -1.57
C GLU B 146 0.11 -21.78 -2.25
N SER B 147 0.74 -22.48 -3.19
CA SER B 147 0.23 -23.74 -3.70
C SER B 147 1.40 -24.54 -4.24
N GLU B 148 1.17 -25.80 -4.62
CA GLU B 148 2.28 -26.69 -4.92
C GLU B 148 3.07 -26.25 -6.14
N CYS B 149 4.39 -26.42 -6.08
CA CYS B 149 5.23 -26.21 -7.25
C CYS B 149 5.15 -27.45 -8.15
N VAL B 150 5.91 -27.47 -9.23
CA VAL B 150 5.83 -28.58 -10.19
C VAL B 150 7.22 -29.01 -10.65
N CYS B 151 7.42 -30.33 -10.83
CA CYS B 151 8.72 -30.88 -11.19
C CYS B 151 8.71 -31.66 -12.51
N HIS B 152 9.87 -31.72 -13.15
CA HIS B 152 10.06 -32.49 -14.37
C HIS B 152 11.53 -32.84 -14.52
N ASN B 153 11.83 -34.11 -14.78
CA ASN B 153 13.21 -34.57 -14.98
C ASN B 153 14.18 -34.10 -13.88
N GLY B 154 13.71 -34.11 -12.64
CA GLY B 154 14.57 -33.74 -11.52
C GLY B 154 14.60 -32.25 -11.19
N THR B 155 13.99 -31.44 -12.05
CA THR B 155 13.97 -30.00 -11.81
C THR B 155 12.57 -29.50 -11.47
N CYS B 156 12.50 -28.71 -10.39
CA CYS B 156 11.23 -28.13 -9.94
C CYS B 156 11.23 -26.62 -10.13
N VAL B 157 10.16 -26.10 -10.72
CA VAL B 157 10.03 -24.67 -10.99
C VAL B 157 9.18 -23.97 -9.91
N VAL B 158 9.63 -22.80 -9.46
CA VAL B 158 8.95 -22.04 -8.41
C VAL B 158 8.90 -20.56 -8.81
N ILE B 159 7.74 -19.93 -8.66
CA ILE B 159 7.58 -18.50 -8.94
C ILE B 159 7.64 -17.72 -7.64
N MET B 160 8.49 -16.69 -7.58
CA MET B 160 8.63 -15.89 -6.37
C MET B 160 8.58 -14.40 -6.69
N THR B 161 8.10 -13.62 -5.73
CA THR B 161 7.97 -12.19 -5.91
C THR B 161 8.53 -11.44 -4.70
N ASP B 162 9.30 -10.40 -4.97
CA ASP B 162 9.80 -9.53 -3.92
C ASP B 162 9.56 -8.08 -4.36
N GLY B 163 8.97 -7.27 -3.49
CA GLY B 163 8.69 -5.89 -3.84
C GLY B 163 7.27 -5.46 -3.50
N SER B 164 6.87 -4.32 -4.06
CA SER B 164 5.59 -3.70 -3.72
C SER B 164 4.37 -4.57 -4.07
N ALA B 165 3.41 -4.62 -3.17
CA ALA B 165 2.19 -5.38 -3.39
C ALA B 165 1.30 -4.69 -4.43
N SER B 166 1.35 -3.37 -4.44
CA SER B 166 0.39 -2.56 -5.18
C SER B 166 0.95 -1.88 -6.42
N SER B 167 2.24 -2.04 -6.67
CA SER B 167 2.85 -1.52 -7.90
C SER B 167 3.93 -2.46 -8.43
N GLN B 168 4.88 -1.90 -9.17
CA GLN B 168 5.92 -2.69 -9.81
C GLN B 168 6.76 -3.46 -8.81
N ALA B 169 6.93 -4.76 -9.06
CA ALA B 169 7.73 -5.59 -8.19
C ALA B 169 8.67 -6.47 -9.00
N TYR B 170 9.48 -7.26 -8.31
CA TYR B 170 10.48 -8.09 -8.97
C TYR B 170 10.19 -9.58 -8.81
N THR B 171 9.76 -10.20 -9.90
CA THR B 171 9.40 -11.61 -9.89
C THR B 171 10.47 -12.44 -10.57
N LYS B 172 10.86 -13.53 -9.90
CA LYS B 172 11.81 -14.46 -10.47
C LYS B 172 11.18 -15.83 -10.65
N VAL B 173 11.58 -16.51 -11.71
CA VAL B 173 11.19 -17.88 -11.94
C VAL B 173 12.40 -18.74 -11.62
N LEU B 174 12.30 -19.51 -10.55
CA LEU B 174 13.43 -20.30 -10.06
C LEU B 174 13.32 -21.77 -10.47
N TYR B 175 14.47 -22.35 -10.79
CA TYR B 175 14.53 -23.77 -11.13
C TYR B 175 15.45 -24.48 -10.12
N PHE B 176 14.89 -25.46 -9.42
CA PHE B 176 15.64 -26.16 -8.37
C PHE B 176 15.96 -27.60 -8.76
N HIS B 177 17.13 -28.08 -8.34
CA HIS B 177 17.42 -29.51 -8.38
C HIS B 177 17.89 -29.97 -7.00
N LYS B 178 17.15 -30.89 -6.40
CA LYS B 178 17.44 -31.35 -5.04
C LYS B 178 17.56 -30.19 -4.03
N GLY B 179 16.67 -29.22 -4.17
CA GLY B 179 16.61 -28.10 -3.23
C GLY B 179 17.68 -27.04 -3.46
N LEU B 180 18.41 -27.17 -4.56
CA LEU B 180 19.45 -26.20 -4.93
C LEU B 180 19.03 -25.44 -6.18
N VAL B 181 19.24 -24.12 -6.19
CA VAL B 181 18.95 -23.32 -7.37
C VAL B 181 19.97 -23.60 -8.45
N ILE B 182 19.51 -24.09 -9.60
CA ILE B 182 20.40 -24.34 -10.73
C ILE B 182 20.19 -23.33 -11.86
N LYS B 183 19.05 -22.63 -11.82
CA LYS B 183 18.76 -21.60 -12.80
C LYS B 183 17.71 -20.62 -12.30
N GLU B 184 17.91 -19.35 -12.61
CA GLU B 184 16.90 -18.33 -12.31
C GLU B 184 16.68 -17.42 -13.51
N GLU B 185 15.45 -16.94 -13.65
CA GLU B 185 15.09 -15.99 -14.71
C GLU B 185 14.27 -14.89 -14.08
N ALA B 186 14.55 -13.65 -14.47
CA ALA B 186 13.64 -12.55 -14.12
C ALA B 186 12.39 -12.72 -14.98
N LEU B 187 11.25 -12.24 -14.47
CA LEU B 187 9.98 -12.33 -15.21
C LEU B 187 10.08 -11.73 -16.60
N LYS B 188 9.54 -12.44 -17.60
CA LYS B 188 9.53 -11.99 -18.98
C LYS B 188 8.11 -11.91 -19.52
N GLY B 189 7.95 -11.30 -20.68
CA GLY B 189 6.65 -11.21 -21.31
C GLY B 189 5.86 -10.00 -20.87
N SER B 190 4.55 -10.08 -21.01
CA SER B 190 3.70 -8.89 -20.84
C SER B 190 2.96 -8.79 -19.51
N ALA B 191 3.07 -9.81 -18.66
CA ALA B 191 2.45 -9.71 -17.34
C ALA B 191 3.15 -8.62 -16.52
N ARG B 192 2.36 -7.72 -15.95
CA ARG B 192 2.91 -6.55 -15.27
C ARG B 192 3.13 -6.75 -13.78
N HIS B 193 2.48 -7.76 -13.21
CA HIS B 193 2.59 -8.02 -11.78
C HIS B 193 2.20 -9.46 -11.48
N ILE B 194 3.03 -10.16 -10.72
CA ILE B 194 2.79 -11.58 -10.43
C ILE B 194 2.71 -11.86 -8.93
N GLU B 195 1.66 -12.55 -8.54
CA GLU B 195 1.49 -13.02 -7.16
C GLU B 195 0.89 -14.41 -7.18
N GLU B 196 1.29 -15.24 -6.22
CA GLU B 196 0.56 -16.46 -5.86
C GLU B 196 0.13 -17.32 -7.05
N CYS B 197 1.11 -17.76 -7.84
CA CYS B 197 0.83 -18.57 -9.02
C CYS B 197 0.30 -19.95 -8.68
N SER B 198 -0.72 -20.38 -9.41
CA SER B 198 -1.23 -21.74 -9.28
C SER B 198 -0.79 -22.51 -10.51
N CYS B 199 0.10 -23.48 -10.32
CA CYS B 199 0.76 -24.12 -11.45
C CYS B 199 0.42 -25.60 -11.58
N TYR B 200 0.53 -26.11 -12.81
CA TYR B 200 0.30 -27.53 -13.08
C TYR B 200 1.16 -27.95 -14.27
N GLY B 201 1.50 -29.23 -14.34
CA GLY B 201 2.35 -29.74 -15.39
C GLY B 201 1.62 -30.54 -16.46
N HIS B 202 2.21 -30.57 -17.65
CA HIS B 202 1.64 -31.28 -18.80
C HIS B 202 2.65 -31.32 -19.94
N ASN B 203 2.93 -32.52 -20.45
CA ASN B 203 3.84 -32.71 -21.58
C ASN B 203 5.07 -31.81 -21.56
N SER B 204 5.88 -31.95 -20.50
CA SER B 204 7.14 -31.23 -20.35
C SER B 204 6.98 -29.72 -20.23
N LYS B 205 5.77 -29.29 -19.87
CA LYS B 205 5.49 -27.87 -19.69
C LYS B 205 4.81 -27.61 -18.34
N VAL B 206 4.89 -26.37 -17.87
CA VAL B 206 4.19 -25.97 -16.65
C VAL B 206 3.45 -24.68 -16.93
N THR B 207 2.17 -24.67 -16.59
CA THR B 207 1.33 -23.48 -16.78
C THR B 207 0.89 -22.95 -15.43
N CYS B 208 1.14 -21.67 -15.19
CA CYS B 208 0.77 -21.04 -13.93
C CYS B 208 -0.26 -19.94 -14.17
N VAL B 209 -1.37 -20.01 -13.46
CA VAL B 209 -2.34 -18.92 -13.47
C VAL B 209 -2.20 -18.17 -12.16
N CYS B 210 -1.97 -16.87 -12.25
CA CYS B 210 -1.54 -16.09 -11.09
C CYS B 210 -2.50 -14.96 -10.75
N ARG B 211 -1.99 -13.99 -10.01
CA ARG B 211 -2.79 -12.89 -9.49
C ARG B 211 -2.06 -11.57 -9.70
N ASP B 212 -2.66 -10.67 -10.46
CA ASP B 212 -2.13 -9.32 -10.63
C ASP B 212 -2.70 -8.48 -9.49
N ASN B 213 -1.87 -8.09 -8.54
CA ASN B 213 -2.34 -7.35 -7.36
C ASN B 213 -2.32 -5.84 -7.58
N TRP B 214 -1.87 -5.44 -8.77
CA TRP B 214 -1.67 -4.04 -9.10
C TRP B 214 -2.82 -3.49 -9.93
N GLN B 215 -2.91 -3.93 -11.19
CA GLN B 215 -3.84 -3.32 -12.14
C GLN B 215 -4.95 -4.24 -12.64
N GLY B 216 -4.66 -5.53 -12.76
CA GLY B 216 -5.53 -6.42 -13.50
C GLY B 216 -6.58 -7.24 -12.75
N ALA B 217 -7.80 -7.19 -13.27
CA ALA B 217 -8.87 -8.09 -12.84
C ALA B 217 -8.84 -9.36 -13.69
N ASN B 218 -8.15 -9.29 -14.81
CA ASN B 218 -7.81 -10.50 -15.56
C ASN B 218 -6.52 -11.08 -15.00
N ARG B 219 -6.39 -12.40 -15.01
CA ARG B 219 -5.24 -13.04 -14.39
C ARG B 219 -4.05 -13.19 -15.33
N PRO B 220 -2.85 -12.83 -14.85
CA PRO B 220 -1.63 -13.07 -15.63
C PRO B 220 -1.35 -14.58 -15.69
N VAL B 221 -0.68 -14.99 -16.76
CA VAL B 221 -0.38 -16.41 -16.96
C VAL B 221 1.11 -16.55 -17.25
N ILE B 222 1.76 -17.51 -16.59
CA ILE B 222 3.16 -17.79 -16.87
C ILE B 222 3.29 -19.15 -17.55
N GLU B 223 4.03 -19.19 -18.65
CA GLU B 223 4.17 -20.39 -19.45
C GLU B 223 5.61 -20.87 -19.41
N ILE B 224 5.83 -22.11 -18.99
CA ILE B 224 7.18 -22.62 -18.77
C ILE B 224 7.52 -23.89 -19.58
N ASP B 225 8.63 -23.83 -20.31
CA ASP B 225 9.20 -25.00 -20.97
C ASP B 225 10.17 -25.61 -19.98
N MET B 226 9.88 -26.82 -19.50
CA MET B 226 10.70 -27.43 -18.44
C MET B 226 11.98 -28.11 -18.96
N ASN B 227 12.05 -28.38 -20.26
CA ASN B 227 13.28 -28.90 -20.84
C ASN B 227 14.29 -27.79 -21.11
N ALA B 228 13.81 -26.66 -21.62
CA ALA B 228 14.66 -25.50 -21.86
C ALA B 228 14.82 -24.65 -20.62
N MET B 229 13.95 -24.88 -19.63
CA MET B 229 13.88 -24.05 -18.43
C MET B 229 13.76 -22.58 -18.81
N GLU B 230 12.77 -22.30 -19.65
CA GLU B 230 12.53 -20.95 -20.14
C GLU B 230 11.04 -20.63 -20.07
N HIS B 231 10.72 -19.41 -19.65
CA HIS B 231 9.33 -19.02 -19.52
C HIS B 231 9.01 -17.74 -20.30
N THR B 232 7.72 -17.45 -20.39
CA THR B 232 7.24 -16.14 -20.85
C THR B 232 5.92 -15.91 -20.15
N SER B 233 5.37 -14.70 -20.26
CA SER B 233 4.13 -14.39 -19.57
C SER B 233 3.18 -13.52 -20.39
N GLN B 234 1.93 -13.48 -19.94
CA GLN B 234 0.88 -12.73 -20.60
C GLN B 234 -0.30 -12.70 -19.63
N TYR B 235 -1.47 -12.30 -20.15
CA TYR B 235 -2.71 -12.43 -19.39
C TYR B 235 -3.62 -13.46 -20.05
N LEU B 236 -4.58 -13.98 -19.29
CA LEU B 236 -5.66 -14.75 -19.89
C LEU B 236 -6.32 -13.88 -20.94
N CYS B 237 -6.72 -14.48 -22.05
CA CYS B 237 -7.29 -13.70 -23.13
C CYS B 237 -8.77 -13.37 -22.95
N THR B 238 -9.50 -14.18 -22.19
CA THR B 238 -10.93 -13.97 -22.00
C THR B 238 -11.25 -12.62 -21.41
N GLY B 239 -12.45 -12.12 -21.73
CA GLY B 239 -12.97 -10.95 -21.07
C GLY B 239 -13.74 -11.35 -19.82
N VAL B 240 -13.91 -12.65 -19.63
CA VAL B 240 -14.48 -13.16 -18.39
C VAL B 240 -13.42 -13.06 -17.29
N LEU B 241 -13.60 -12.08 -16.41
CA LEU B 241 -12.61 -11.78 -15.37
C LEU B 241 -12.73 -12.73 -14.18
N THR B 242 -11.60 -13.25 -13.72
CA THR B 242 -11.64 -14.27 -12.66
C THR B 242 -10.91 -13.89 -11.37
N ASP B 243 -10.38 -12.68 -11.27
CA ASP B 243 -9.80 -12.22 -10.01
C ASP B 243 -10.88 -11.56 -9.14
N THR B 244 -10.53 -11.20 -7.91
CA THR B 244 -11.46 -10.54 -7.01
C THR B 244 -10.70 -9.52 -6.17
N SER B 245 -11.10 -8.24 -6.23
CA SER B 245 -12.32 -7.80 -6.91
C SER B 245 -12.13 -7.57 -8.42
N ARG B 246 -13.25 -7.35 -9.10
CA ARG B 246 -13.24 -7.17 -10.55
C ARG B 246 -14.44 -6.33 -10.97
N PRO B 247 -14.30 -5.57 -12.08
CA PRO B 247 -15.45 -4.88 -12.68
C PRO B 247 -16.27 -5.89 -13.47
N SER B 248 -17.27 -5.44 -14.22
CA SER B 248 -18.10 -6.35 -15.01
C SER B 248 -17.27 -7.09 -16.06
N ASP B 249 -17.74 -8.27 -16.46
CA ASP B 249 -17.07 -9.04 -17.51
C ASP B 249 -17.09 -8.30 -18.84
N LYS B 250 -16.04 -8.49 -19.62
CA LYS B 250 -15.89 -7.79 -20.90
C LYS B 250 -16.16 -8.75 -22.06
N SER B 251 -16.78 -8.23 -23.12
CA SER B 251 -17.05 -9.04 -24.31
C SER B 251 -15.75 -9.38 -25.03
N ILE B 252 -14.80 -8.47 -24.97
CA ILE B 252 -13.47 -8.68 -25.54
C ILE B 252 -12.42 -8.55 -24.46
N GLY B 253 -11.58 -9.57 -24.30
CA GLY B 253 -10.51 -9.53 -23.32
C GLY B 253 -9.25 -8.92 -23.88
N ASP B 254 -8.14 -9.07 -23.16
CA ASP B 254 -6.86 -8.53 -23.62
C ASP B 254 -5.74 -9.49 -23.23
N CYS B 255 -5.14 -10.13 -24.23
CA CYS B 255 -4.10 -11.13 -23.99
C CYS B 255 -2.82 -10.52 -23.41
N ASN B 256 -2.63 -9.21 -23.60
CA ASN B 256 -1.34 -8.61 -23.33
C ASN B 256 -1.33 -7.43 -22.35
N ASN B 257 -2.49 -7.05 -21.84
CA ASN B 257 -2.57 -5.95 -20.88
C ASN B 257 -3.55 -6.25 -19.76
N PRO B 258 -3.32 -5.69 -18.56
CA PRO B 258 -4.30 -5.89 -17.48
C PRO B 258 -5.58 -5.12 -17.78
N ILE B 259 -6.71 -5.69 -17.36
CA ILE B 259 -7.99 -5.01 -17.46
C ILE B 259 -8.32 -4.37 -16.11
N THR B 260 -8.35 -3.05 -16.10
CA THR B 260 -8.43 -2.29 -14.85
C THR B 260 -9.86 -1.98 -14.44
N GLY B 261 -10.01 -1.25 -13.35
CA GLY B 261 -11.32 -0.81 -12.90
C GLY B 261 -11.81 -1.55 -11.69
N SER B 262 -10.95 -2.41 -11.12
CA SER B 262 -11.28 -3.18 -9.94
C SER B 262 -11.74 -2.27 -8.80
N PRO B 263 -12.95 -2.51 -8.28
CA PRO B 263 -13.67 -1.62 -7.35
C PRO B 263 -13.04 -1.52 -5.96
N GLY B 264 -12.51 -2.63 -5.46
CA GLY B 264 -12.04 -2.69 -4.09
C GLY B 264 -10.78 -3.51 -3.89
N ALA B 265 -10.93 -4.71 -3.35
CA ALA B 265 -9.79 -5.59 -3.06
C ALA B 265 -8.94 -5.84 -4.29
N PRO B 266 -7.61 -5.74 -4.13
CA PRO B 266 -6.64 -5.82 -5.24
C PRO B 266 -6.50 -7.19 -5.89
N GLY B 267 -6.92 -8.27 -5.23
CA GLY B 267 -6.81 -9.59 -5.81
C GLY B 267 -6.98 -10.74 -4.83
N VAL B 268 -7.11 -11.94 -5.36
CA VAL B 268 -7.17 -13.16 -4.56
C VAL B 268 -6.48 -14.25 -5.37
N LYS B 269 -5.81 -15.17 -4.68
CA LYS B 269 -5.19 -16.29 -5.38
C LYS B 269 -6.27 -17.12 -6.04
N GLY B 270 -6.05 -17.46 -7.31
CA GLY B 270 -6.97 -18.30 -8.06
C GLY B 270 -6.21 -19.20 -9.01
N PHE B 271 -6.93 -19.91 -9.88
CA PHE B 271 -6.28 -20.87 -10.77
C PHE B 271 -7.06 -21.02 -12.07
N GLY B 272 -6.48 -21.80 -12.99
CA GLY B 272 -7.16 -22.17 -14.22
C GLY B 272 -6.41 -23.30 -14.90
N PHE B 273 -7.12 -24.11 -15.68
CA PHE B 273 -6.50 -25.15 -16.48
C PHE B 273 -6.70 -24.82 -17.97
N LEU B 274 -5.61 -24.51 -18.65
CA LEU B 274 -5.67 -24.10 -20.06
C LEU B 274 -5.39 -25.27 -20.98
N ASP B 275 -6.40 -25.71 -21.72
CA ASP B 275 -6.29 -26.90 -22.56
C ASP B 275 -7.24 -26.79 -23.74
N SER B 276 -7.10 -25.71 -24.50
CA SER B 276 -7.97 -25.43 -25.65
C SER B 276 -9.45 -25.45 -25.27
N GLY B 277 -10.21 -26.32 -25.93
CA GLY B 277 -11.63 -26.43 -25.63
C GLY B 277 -11.89 -26.93 -24.21
N ASN B 278 -10.95 -27.71 -23.69
CA ASN B 278 -11.05 -28.25 -22.33
C ASN B 278 -10.46 -27.28 -21.31
N THR B 279 -10.86 -26.01 -21.39
CA THR B 279 -10.32 -24.98 -20.51
C THR B 279 -11.28 -24.59 -19.39
N TRP B 280 -10.81 -24.64 -18.14
CA TRP B 280 -11.64 -24.29 -16.99
C TRP B 280 -10.99 -23.22 -16.12
N LEU B 281 -11.79 -22.25 -15.68
CA LEU B 281 -11.30 -21.23 -14.75
C LEU B 281 -12.19 -21.21 -13.51
N GLY B 282 -11.61 -20.93 -12.34
CA GLY B 282 -12.38 -20.78 -11.13
C GLY B 282 -12.53 -19.31 -10.79
N ARG B 283 -13.53 -18.98 -9.97
CA ARG B 283 -13.73 -17.61 -9.52
C ARG B 283 -14.76 -17.55 -8.39
N THR B 284 -14.68 -16.51 -7.55
CA THR B 284 -15.70 -16.28 -6.53
C THR B 284 -16.94 -15.72 -7.23
N ILE B 285 -18.12 -16.03 -6.69
CA ILE B 285 -19.36 -15.58 -7.30
C ILE B 285 -19.51 -14.06 -7.21
N SER B 286 -19.16 -13.50 -6.06
CA SER B 286 -19.16 -12.05 -5.91
C SER B 286 -17.94 -11.44 -6.58
N PRO B 287 -18.14 -10.35 -7.33
CA PRO B 287 -17.02 -9.66 -7.97
C PRO B 287 -16.38 -8.70 -6.99
N ARG B 288 -16.90 -8.65 -5.77
CA ARG B 288 -16.43 -7.71 -4.75
C ARG B 288 -15.83 -8.40 -3.53
N SER B 289 -16.49 -9.45 -3.06
CA SER B 289 -16.08 -10.16 -1.86
C SER B 289 -15.65 -11.59 -2.14
N ARG B 290 -14.97 -12.20 -1.18
CA ARG B 290 -14.55 -13.59 -1.31
C ARG B 290 -15.66 -14.52 -0.83
N SER B 291 -16.76 -14.53 -1.57
CA SER B 291 -17.88 -15.41 -1.25
C SER B 291 -18.33 -16.16 -2.49
N GLY B 292 -18.82 -17.38 -2.30
CA GLY B 292 -19.21 -18.22 -3.40
C GLY B 292 -18.01 -18.74 -4.17
N PHE B 293 -18.23 -19.79 -4.96
CA PHE B 293 -17.19 -20.27 -5.86
C PHE B 293 -17.81 -21.05 -7.00
N GLU B 294 -17.40 -20.73 -8.22
CA GLU B 294 -17.95 -21.37 -9.41
C GLU B 294 -16.84 -21.72 -10.39
N MET B 295 -17.00 -22.85 -11.06
CA MET B 295 -16.10 -23.25 -12.11
C MET B 295 -16.73 -22.94 -13.45
N LEU B 296 -15.96 -22.32 -14.34
CA LEU B 296 -16.46 -21.90 -15.63
C LEU B 296 -15.67 -22.58 -16.73
N LYS B 297 -16.36 -23.21 -17.67
CA LYS B 297 -15.69 -23.75 -18.84
C LYS B 297 -15.64 -22.67 -19.91
N ILE B 298 -14.43 -22.24 -20.24
CA ILE B 298 -14.23 -21.17 -21.21
C ILE B 298 -13.25 -21.60 -22.29
N PRO B 299 -13.77 -22.23 -23.37
CA PRO B 299 -12.90 -22.75 -24.43
C PRO B 299 -11.92 -21.71 -24.94
N ASN B 300 -10.65 -22.07 -24.99
CA ASN B 300 -9.58 -21.20 -25.48
C ASN B 300 -9.46 -19.86 -24.75
N ALA B 301 -9.70 -19.89 -23.44
CA ALA B 301 -9.55 -18.71 -22.59
C ALA B 301 -8.12 -18.17 -22.61
N GLY B 302 -7.17 -19.08 -22.84
CA GLY B 302 -5.77 -18.72 -22.85
C GLY B 302 -5.30 -18.11 -24.16
N THR B 303 -6.10 -18.27 -25.22
CA THR B 303 -5.69 -17.81 -26.55
C THR B 303 -6.68 -16.87 -27.27
N ASP B 304 -7.94 -16.85 -26.84
CA ASP B 304 -8.98 -16.15 -27.61
C ASP B 304 -9.69 -15.04 -26.81
N PRO B 305 -9.50 -13.79 -27.22
CA PRO B 305 -10.08 -12.61 -26.58
C PRO B 305 -11.60 -12.58 -26.65
N ASN B 306 -12.16 -13.39 -27.54
CA ASN B 306 -13.60 -13.47 -27.71
C ASN B 306 -14.19 -14.71 -27.04
N SER B 307 -13.37 -15.43 -26.28
CA SER B 307 -13.84 -16.64 -25.61
C SER B 307 -14.95 -16.37 -24.59
N ARG B 308 -15.90 -17.29 -24.50
CA ARG B 308 -17.03 -17.14 -23.63
C ARG B 308 -17.27 -18.38 -22.76
N ILE B 309 -18.10 -18.19 -21.73
CA ILE B 309 -18.47 -19.27 -20.81
C ILE B 309 -19.44 -20.24 -21.48
N THR B 310 -19.08 -21.52 -21.53
CA THR B 310 -19.96 -22.52 -22.16
C THR B 310 -20.66 -23.41 -21.15
N GLU B 311 -19.99 -23.65 -20.02
CA GLU B 311 -20.54 -24.49 -18.96
C GLU B 311 -20.22 -23.86 -17.61
N ARG B 312 -21.04 -24.16 -16.62
CA ARG B 312 -20.84 -23.63 -15.28
C ARG B 312 -21.21 -24.67 -14.24
N GLN B 313 -20.39 -24.79 -13.20
CA GLN B 313 -20.74 -25.62 -12.05
C GLN B 313 -20.47 -24.82 -10.78
N GLU B 314 -21.50 -24.67 -9.96
CA GLU B 314 -21.34 -23.97 -8.69
C GLU B 314 -20.74 -24.94 -7.67
N ILE B 315 -19.74 -24.47 -6.93
CA ILE B 315 -19.07 -25.30 -5.94
C ILE B 315 -19.44 -24.87 -4.52
N VAL B 316 -19.44 -23.56 -4.29
CA VAL B 316 -19.86 -22.97 -3.02
C VAL B 316 -20.84 -21.85 -3.33
N ASP B 317 -22.00 -21.84 -2.70
CA ASP B 317 -23.01 -20.81 -2.99
C ASP B 317 -22.60 -19.43 -2.48
N ASN B 318 -23.24 -18.38 -3.00
CA ASN B 318 -22.80 -17.02 -2.70
C ASN B 318 -23.28 -16.49 -1.35
N ASN B 319 -23.92 -17.36 -0.57
CA ASN B 319 -24.24 -17.03 0.82
C ASN B 319 -23.17 -17.60 1.74
N ASN B 320 -22.08 -18.07 1.14
CA ASN B 320 -21.01 -18.70 1.90
C ASN B 320 -19.64 -18.19 1.47
N TRP B 321 -18.73 -18.12 2.44
CA TRP B 321 -17.41 -17.56 2.23
C TRP B 321 -16.49 -18.53 1.52
N SER B 322 -15.63 -18.00 0.66
CA SER B 322 -14.56 -18.78 0.05
C SER B 322 -13.23 -18.14 0.42
N GLY B 323 -12.34 -18.04 -0.55
CA GLY B 323 -11.01 -17.51 -0.31
C GLY B 323 -10.08 -18.00 -1.41
N TYR B 324 -8.83 -18.26 -1.06
CA TYR B 324 -7.84 -18.72 -2.04
C TYR B 324 -8.26 -20.02 -2.73
N SER B 325 -7.81 -20.20 -3.97
CA SER B 325 -8.00 -21.45 -4.69
C SER B 325 -6.77 -21.73 -5.55
N GLY B 326 -6.47 -23.00 -5.78
CA GLY B 326 -5.26 -23.34 -6.50
C GLY B 326 -5.34 -24.72 -7.11
N SER B 327 -4.39 -25.02 -7.98
CA SER B 327 -4.41 -26.26 -8.73
C SER B 327 -3.49 -27.30 -8.10
N PHE B 328 -3.84 -28.58 -8.25
CA PHE B 328 -2.92 -29.66 -7.94
C PHE B 328 -3.28 -30.89 -8.77
N ILE B 329 -2.31 -31.78 -8.98
CA ILE B 329 -2.53 -32.97 -9.78
C ILE B 329 -1.78 -34.15 -9.15
N ASP B 330 -2.40 -35.33 -9.16
CA ASP B 330 -1.71 -36.54 -8.78
C ASP B 330 -0.90 -37.03 -9.98
N TYR B 331 0.37 -36.62 -10.03
CA TYR B 331 1.25 -36.94 -11.16
C TYR B 331 1.76 -38.38 -11.14
N TRP B 332 1.29 -39.16 -10.18
CA TRP B 332 1.78 -40.53 -10.02
C TRP B 332 0.67 -41.57 -10.12
N ASP B 333 -0.41 -41.22 -10.82
CA ASP B 333 -1.45 -42.20 -11.12
C ASP B 333 -1.05 -42.98 -12.38
N GLU B 334 -0.27 -44.04 -12.18
CA GLU B 334 0.26 -44.84 -13.27
C GLU B 334 -0.84 -45.62 -14.02
N SER B 335 -2.04 -45.64 -13.44
CA SER B 335 -3.17 -46.34 -14.05
C SER B 335 -3.94 -45.46 -15.04
N SER B 336 -3.79 -44.15 -14.91
CA SER B 336 -4.46 -43.23 -15.81
C SER B 336 -3.52 -42.75 -16.90
N GLU B 337 -4.03 -42.64 -18.13
CA GLU B 337 -3.23 -42.19 -19.26
C GLU B 337 -3.10 -40.67 -19.33
N CYS B 338 -3.88 -39.96 -18.52
CA CYS B 338 -3.82 -38.51 -18.50
C CYS B 338 -3.69 -37.99 -17.07
N TYR B 339 -3.23 -36.74 -16.93
CA TYR B 339 -3.23 -36.05 -15.64
C TYR B 339 -4.62 -35.48 -15.38
N ASN B 340 -5.26 -35.92 -14.30
CA ASN B 340 -6.58 -35.39 -13.96
C ASN B 340 -6.45 -34.10 -13.15
N PRO B 341 -7.00 -33.01 -13.68
CA PRO B 341 -6.97 -31.72 -12.98
C PRO B 341 -7.71 -31.80 -11.66
N CYS B 342 -7.13 -31.21 -10.62
CA CYS B 342 -7.80 -31.08 -9.33
C CYS B 342 -7.55 -29.66 -8.81
N PHE B 343 -8.37 -29.24 -7.86
CA PHE B 343 -8.17 -27.93 -7.23
C PHE B 343 -8.73 -27.93 -5.82
N TYR B 344 -8.34 -26.93 -5.04
CA TYR B 344 -8.87 -26.76 -3.69
C TYR B 344 -9.48 -25.38 -3.60
N VAL B 345 -10.40 -25.20 -2.67
CA VAL B 345 -10.89 -23.87 -2.34
C VAL B 345 -10.70 -23.67 -0.83
N GLU B 346 -10.01 -22.60 -0.45
CA GLU B 346 -9.90 -22.19 0.94
C GLU B 346 -11.20 -21.53 1.40
N LEU B 347 -11.79 -22.05 2.47
CA LEU B 347 -13.05 -21.52 3.00
C LEU B 347 -12.81 -20.70 4.26
N ILE B 348 -12.61 -19.40 4.09
CA ILE B 348 -12.21 -18.52 5.20
C ILE B 348 -13.37 -18.14 6.12
N ARG B 349 -13.23 -18.44 7.40
CA ARG B 349 -14.21 -18.00 8.39
C ARG B 349 -13.55 -17.00 9.33
N GLY B 350 -14.35 -16.14 9.96
CA GLY B 350 -13.82 -15.16 10.89
C GLY B 350 -13.50 -13.84 10.22
N ARG B 351 -12.45 -13.18 10.70
CA ARG B 351 -12.12 -11.82 10.27
C ARG B 351 -11.49 -11.77 8.87
N PRO B 352 -11.66 -10.66 8.14
CA PRO B 352 -12.35 -9.43 8.56
C PRO B 352 -13.87 -9.53 8.43
N GLU B 353 -14.34 -10.48 7.62
CA GLU B 353 -15.73 -10.46 7.20
C GLU B 353 -16.74 -10.82 8.29
N GLU B 354 -16.32 -11.63 9.26
CA GLU B 354 -17.19 -12.02 10.37
C GLU B 354 -16.67 -11.48 11.70
N ALA B 355 -16.06 -10.29 11.65
CA ALA B 355 -15.48 -9.65 12.82
C ALA B 355 -16.46 -9.42 13.98
N LYS B 356 -17.75 -9.33 13.67
CA LYS B 356 -18.74 -9.10 14.72
C LYS B 356 -19.04 -10.37 15.53
N TYR B 357 -18.56 -11.51 15.06
CA TYR B 357 -18.82 -12.78 15.72
C TYR B 357 -17.61 -13.30 16.51
N VAL B 358 -16.43 -13.17 15.91
CA VAL B 358 -15.22 -13.76 16.49
C VAL B 358 -14.00 -12.86 16.28
N TRP B 359 -12.94 -13.17 17.02
CA TRP B 359 -11.71 -12.38 16.98
C TRP B 359 -10.63 -13.05 16.13
N TRP B 360 -10.92 -14.23 15.60
CA TRP B 360 -9.94 -15.00 14.84
C TRP B 360 -10.25 -15.06 13.35
N THR B 361 -9.31 -15.56 12.57
CA THR B 361 -9.61 -16.02 11.22
C THR B 361 -8.87 -17.31 10.93
N SER B 362 -9.58 -18.21 10.26
CA SER B 362 -9.06 -19.51 9.95
C SER B 362 -9.90 -20.05 8.82
N ASN B 363 -9.47 -21.16 8.25
CA ASN B 363 -10.17 -21.70 7.11
C ASN B 363 -10.43 -23.18 7.27
N SER B 364 -11.40 -23.68 6.51
CA SER B 364 -11.48 -25.10 6.23
C SER B 364 -11.16 -25.23 4.75
N LEU B 365 -11.31 -26.41 4.21
CA LEU B 365 -10.82 -26.70 2.87
C LEU B 365 -11.76 -27.69 2.19
N VAL B 366 -12.00 -27.48 0.90
CA VAL B 366 -12.67 -28.48 0.07
C VAL B 366 -11.79 -28.71 -1.15
N ALA B 367 -11.64 -29.97 -1.57
CA ALA B 367 -10.84 -30.30 -2.75
C ALA B 367 -11.65 -31.09 -3.77
N LEU B 368 -11.46 -30.77 -5.05
CA LEU B 368 -12.26 -31.33 -6.14
C LEU B 368 -11.34 -31.90 -7.21
N CYS B 369 -11.76 -32.98 -7.87
CA CYS B 369 -11.03 -33.47 -9.03
C CYS B 369 -11.97 -33.62 -10.23
N GLY B 370 -11.41 -33.63 -11.44
CA GLY B 370 -12.23 -33.62 -12.64
C GLY B 370 -12.89 -34.95 -12.95
N SER B 371 -13.91 -34.89 -13.79
CA SER B 371 -14.52 -36.08 -14.37
C SER B 371 -14.77 -35.82 -15.86
N PRO B 372 -14.53 -36.83 -16.72
CA PRO B 372 -14.66 -36.73 -18.17
C PRO B 372 -16.11 -36.83 -18.61
N VAL B 373 -16.96 -37.23 -17.67
CA VAL B 373 -18.36 -37.51 -17.93
C VAL B 373 -19.19 -36.54 -17.08
N PRO B 374 -20.41 -36.18 -17.55
CA PRO B 374 -21.27 -35.30 -16.76
C PRO B 374 -21.48 -35.81 -15.34
N VAL B 375 -21.47 -34.92 -14.35
CA VAL B 375 -21.68 -35.32 -12.97
C VAL B 375 -22.85 -34.57 -12.36
N GLY B 376 -23.13 -34.85 -11.09
CA GLY B 376 -24.23 -34.20 -10.41
C GLY B 376 -23.89 -32.82 -9.91
N SER B 377 -24.65 -32.34 -8.93
CA SER B 377 -24.41 -31.02 -8.37
C SER B 377 -24.40 -31.09 -6.83
N GLY B 378 -24.02 -29.99 -6.22
CA GLY B 378 -23.97 -29.89 -4.77
C GLY B 378 -23.18 -28.65 -4.40
N SER B 379 -23.56 -28.01 -3.30
CA SER B 379 -22.80 -26.91 -2.74
C SER B 379 -22.02 -27.44 -1.52
N PHE B 380 -20.76 -27.05 -1.40
CA PHE B 380 -19.92 -27.56 -0.32
C PHE B 380 -19.22 -26.46 0.48
N PRO B 381 -20.00 -25.71 1.28
CA PRO B 381 -19.45 -24.58 2.04
C PRO B 381 -18.78 -25.05 3.33
N ASP B 382 -18.22 -24.12 4.08
CA ASP B 382 -17.53 -24.45 5.34
C ASP B 382 -18.45 -25.26 6.27
N GLY B 383 -19.62 -24.72 6.56
CA GLY B 383 -20.65 -25.45 7.29
C GLY B 383 -20.69 -25.23 8.78
N ALA B 384 -19.84 -24.35 9.28
CA ALA B 384 -19.86 -24.02 10.69
C ALA B 384 -20.86 -22.91 10.96
N GLN B 385 -21.50 -22.98 12.12
CA GLN B 385 -22.34 -21.91 12.61
C GLN B 385 -21.45 -20.96 13.40
N ILE B 386 -21.13 -19.80 12.83
CA ILE B 386 -20.16 -18.88 13.43
C ILE B 386 -20.60 -18.37 14.80
N GLN B 387 -21.91 -18.29 15.04
CA GLN B 387 -22.40 -17.77 16.30
C GLN B 387 -22.11 -18.73 17.47
N TYR B 388 -21.83 -19.99 17.15
CA TYR B 388 -21.42 -20.97 18.16
C TYR B 388 -20.11 -20.54 18.85
N PHE B 389 -19.35 -19.67 18.18
CA PHE B 389 -18.00 -19.30 18.59
C PHE B 389 -17.93 -17.97 19.32
N SER B 390 -19.09 -17.32 19.49
CA SER B 390 -19.12 -15.99 20.07
C SER B 390 -19.15 -16.05 21.59
#